data_7EJ9
#
_entry.id   7EJ9
#
_cell.length_a   89.486
_cell.length_b   93.815
_cell.length_c   128.535
_cell.angle_alpha   90.000
_cell.angle_beta   90.000
_cell.angle_gamma   90.000
#
_symmetry.space_group_name_H-M   'P 21 21 21'
#
loop_
_entity.id
_entity.type
_entity.pdbx_description
1 polymer Cryptochrome-2
2 non-polymer 1-(4-chlorophenyl)-N-[2-(4-methoxyphenyl)-5,5-bis(oxidanylidene)-4,6-dihydrothieno[3,4-c]pyrazol-3-yl]cyclopentane-1-carboxamide
3 water water
#
_entity_poly.entity_id   1
_entity_poly.type   'polypeptide(L)'
_entity_poly.pdbx_seq_one_letter_code
;GTMAAAAVVAATVPAQSMGADGASSVHWFRKGLRLHDNPALLAAVRGARCVRCVYILDPWFAASSSVGINRWRFLLQSLE
DLDTSLRKLNSRLFVVRGQPADVFPRLFKEWGVTRLTFEYDSEPFGKERDAAIMKMAKEAGVEVVTENSHTLYDLDRIIE
LNGQKPPLTYKRFQALISRMELPKKPAVAVSSQQMESCRAEIQENHDDTYGVPSLEELGFPTEGLGPAVWQGGETEALAR
LDKHLERKAWVANYERPRMNANSLLASPTGLSPYLRFGCLSCRLFYYRLWDLYKKVKRNSTPPLSLFGQLLWREFFYTAA
TNNPRFDRMEGNPICIQIPWDRNPEALAKWAEGKTGFPWIDAIMTQLRQEGWIHHLARHAVACFLTRGDLWVSWESGVRV
FDELLLDADFSVNAGSWMWLSCSAFFQQFFHCYCPVGFGRRTDPSGDYIRRYLPKLKGFPSRYIYEPWNAPESVQKAAKC
IIGVDYPRPIVNHAETSRLNIERMKQIYQQLSRY
;
_entity_poly.pdbx_strand_id   A,B
#
# COMPACT_ATOMS: atom_id res chain seq x y z
N ALA A 23 38.10 -13.29 16.14
CA ALA A 23 37.20 -12.43 15.39
C ALA A 23 36.79 -11.21 16.20
N SER A 24 36.67 -10.07 15.53
CA SER A 24 36.16 -8.85 16.14
C SER A 24 34.71 -8.70 15.74
N SER A 25 33.82 -8.92 16.70
CA SER A 25 32.38 -8.98 16.44
C SER A 25 31.67 -7.78 17.07
N VAL A 26 30.74 -7.20 16.34
CA VAL A 26 29.79 -6.24 16.87
C VAL A 26 28.43 -6.89 16.89
N HIS A 27 27.80 -6.96 18.07
CA HIS A 27 26.40 -7.36 18.14
C HIS A 27 25.54 -6.10 18.14
N TRP A 28 24.63 -6.03 17.17
CA TRP A 28 23.79 -4.86 16.96
C TRP A 28 22.45 -5.09 17.66
N PHE A 29 22.16 -4.23 18.64
CA PHE A 29 20.88 -4.26 19.32
C PHE A 29 19.91 -3.32 18.61
N ARG A 30 18.73 -3.82 18.28
CA ARG A 30 17.65 -2.97 17.77
C ARG A 30 16.40 -3.36 18.53
N LYS A 31 15.83 -4.50 18.16
CA LYS A 31 14.98 -5.29 19.03
C LYS A 31 15.86 -6.33 19.71
N GLY A 32 15.27 -7.40 20.23
CA GLY A 32 16.05 -8.36 20.99
C GLY A 32 16.87 -7.74 22.09
N LEU A 33 16.28 -6.79 22.82
CA LEU A 33 16.98 -6.06 23.88
C LEU A 33 17.04 -6.93 25.13
N ARG A 34 17.88 -7.96 25.04
CA ARG A 34 17.98 -8.98 26.07
C ARG A 34 19.23 -9.80 25.80
N LEU A 35 19.78 -10.40 26.86
CA LEU A 35 20.87 -11.34 26.72
C LEU A 35 20.40 -12.78 26.62
N HIS A 36 19.21 -13.09 27.11
CA HIS A 36 18.69 -14.45 27.01
C HIS A 36 18.06 -14.66 25.63
N ASP A 37 18.09 -15.92 25.19
CA ASP A 37 17.63 -16.31 23.85
C ASP A 37 18.07 -15.27 22.80
N ASN A 38 19.38 -15.05 22.75
CA ASN A 38 19.99 -14.12 21.80
C ASN A 38 20.95 -14.89 20.90
N PRO A 39 20.42 -15.71 19.98
CA PRO A 39 21.30 -16.49 19.10
C PRO A 39 22.25 -15.62 18.29
N ALA A 40 21.85 -14.39 17.95
CA ALA A 40 22.74 -13.48 17.27
C ALA A 40 23.90 -13.05 18.16
N LEU A 41 23.63 -12.89 19.46
CA LEU A 41 24.72 -12.59 20.40
C LEU A 41 25.68 -13.77 20.50
N LEU A 42 25.14 -14.99 20.56
CA LEU A 42 25.98 -16.18 20.61
C LEU A 42 26.92 -16.24 19.41
N ALA A 43 26.41 -15.96 18.21
CA ALA A 43 27.25 -16.02 17.02
C ALA A 43 28.37 -14.99 17.10
N ALA A 44 28.09 -13.81 17.69
CA ALA A 44 29.13 -12.81 17.86
C ALA A 44 30.22 -13.26 18.83
N VAL A 45 29.85 -14.06 19.84
CA VAL A 45 30.79 -14.45 20.89
C VAL A 45 31.63 -15.66 20.46
N ARG A 46 31.05 -16.56 19.66
CA ARG A 46 31.75 -17.78 19.23
C ARG A 46 33.04 -17.46 18.50
N GLY A 47 34.18 -17.75 19.13
CA GLY A 47 35.48 -17.52 18.52
C GLY A 47 35.82 -16.06 18.34
N ALA A 48 35.46 -15.23 19.31
CA ALA A 48 35.64 -13.78 19.21
C ALA A 48 36.72 -13.34 20.17
N ARG A 49 37.76 -12.68 19.63
CA ARG A 49 38.71 -11.98 20.49
C ARG A 49 38.04 -10.80 21.18
N CYS A 50 37.13 -10.12 20.50
CA CYS A 50 36.50 -8.91 20.98
C CYS A 50 35.06 -8.86 20.47
N VAL A 51 34.11 -8.71 21.39
CA VAL A 51 32.71 -8.46 21.04
C VAL A 51 32.31 -7.12 21.65
N ARG A 52 31.65 -6.28 20.85
CA ARG A 52 31.16 -4.98 21.28
C ARG A 52 29.65 -4.94 21.03
N CYS A 53 28.87 -4.77 22.08
CA CYS A 53 27.42 -4.72 21.97
C CYS A 53 27.00 -3.27 21.78
N VAL A 54 26.22 -3.02 20.73
CA VAL A 54 25.97 -1.67 20.23
C VAL A 54 24.47 -1.47 20.06
N TYR A 55 23.99 -0.29 20.46
CA TYR A 55 22.69 0.21 20.06
C TYR A 55 22.91 1.58 19.41
N ILE A 56 22.38 1.75 18.19
CA ILE A 56 22.58 2.96 17.42
C ILE A 56 21.31 3.80 17.54
N LEU A 57 21.43 4.95 18.19
CA LEU A 57 20.28 5.76 18.57
C LEU A 57 20.32 7.09 17.84
N ASP A 58 19.22 7.46 17.18
CA ASP A 58 19.07 8.78 16.59
C ASP A 58 18.27 9.63 17.57
N PRO A 59 18.90 10.62 18.22
CA PRO A 59 18.17 11.49 19.15
C PRO A 59 17.55 12.72 18.51
N TRP A 60 17.57 12.82 17.18
CA TRP A 60 17.08 14.00 16.46
C TRP A 60 15.60 13.80 16.16
N PHE A 61 14.77 14.13 17.16
CA PHE A 61 13.36 13.75 17.11
C PHE A 61 12.62 14.52 16.02
N ALA A 62 12.97 15.79 15.81
CA ALA A 62 12.26 16.61 14.84
C ALA A 62 12.40 16.08 13.41
N ALA A 63 13.41 15.27 13.13
CA ALA A 63 13.64 14.77 11.79
C ALA A 63 12.98 13.42 11.53
N SER A 64 12.19 12.92 12.48
CA SER A 64 11.48 11.66 12.34
C SER A 64 10.04 11.88 12.77
N SER A 65 9.20 10.87 12.52
CA SER A 65 7.84 10.93 13.04
C SER A 65 7.88 10.90 14.57
N SER A 66 6.93 11.60 15.18
CA SER A 66 6.94 11.78 16.63
C SER A 66 6.85 10.44 17.34
N VAL A 67 7.70 10.25 18.34
CA VAL A 67 7.67 9.09 19.22
C VAL A 67 7.51 9.60 20.65
N GLY A 68 6.50 9.09 21.35
CA GLY A 68 6.17 9.61 22.66
C GLY A 68 7.25 9.32 23.68
N ILE A 69 7.21 10.09 24.77
CA ILE A 69 8.19 9.95 25.84
C ILE A 69 8.19 8.53 26.41
N ASN A 70 7.03 7.86 26.43
CA ASN A 70 6.96 6.54 27.05
C ASN A 70 7.80 5.53 26.29
N ARG A 71 7.69 5.50 24.96
CA ARG A 71 8.52 4.61 24.16
C ARG A 71 10.00 4.92 24.33
N TRP A 72 10.37 6.20 24.38
CA TRP A 72 11.76 6.56 24.62
C TRP A 72 12.22 6.14 26.00
N ARG A 73 11.44 6.46 27.03
CA ARG A 73 11.82 6.08 28.39
C ARG A 73 11.96 4.57 28.52
N PHE A 74 11.06 3.82 27.88
CA PHE A 74 11.14 2.37 27.92
C PHE A 74 12.44 1.89 27.29
N LEU A 75 12.73 2.35 26.07
CA LEU A 75 13.98 2.00 25.41
C LEU A 75 15.18 2.34 26.28
N LEU A 76 15.25 3.58 26.77
CA LEU A 76 16.39 3.99 27.60
C LEU A 76 16.53 3.10 28.83
N GLN A 77 15.42 2.74 29.47
CA GLN A 77 15.52 1.83 30.61
C GLN A 77 15.91 0.42 30.18
N SER A 78 15.58 0.03 28.94
CA SER A 78 16.06 -1.26 28.42
C SER A 78 17.56 -1.23 28.13
N LEU A 79 18.08 -0.10 27.62
CA LEU A 79 19.51 0.00 27.38
C LEU A 79 20.30 0.08 28.68
N GLU A 80 19.75 0.79 29.68
CA GLU A 80 20.39 0.83 30.98
C GLU A 80 20.46 -0.56 31.60
N ASP A 81 19.44 -1.40 31.38
CA ASP A 81 19.48 -2.75 31.92
C ASP A 81 20.46 -3.62 31.15
N LEU A 82 20.48 -3.50 29.82
CA LEU A 82 21.49 -4.20 29.04
C LEU A 82 22.90 -3.82 29.50
N ASP A 83 23.14 -2.54 29.76
CA ASP A 83 24.47 -2.09 30.17
C ASP A 83 24.80 -2.59 31.57
N THR A 84 23.86 -2.46 32.51
CA THR A 84 24.05 -3.01 33.85
C THR A 84 24.39 -4.50 33.79
N SER A 85 23.69 -5.24 32.94
CA SER A 85 23.95 -6.67 32.81
C SER A 85 25.29 -6.94 32.15
N LEU A 86 25.69 -6.12 31.19
CA LEU A 86 27.02 -6.27 30.60
C LEU A 86 28.11 -5.80 31.55
N ARG A 87 27.78 -4.96 32.53
CA ARG A 87 28.76 -4.61 33.57
C ARG A 87 29.15 -5.84 34.38
N LYS A 88 28.19 -6.72 34.66
CA LYS A 88 28.49 -7.95 35.39
C LYS A 88 29.40 -8.89 34.60
N LEU A 89 29.48 -8.71 33.28
CA LEU A 89 30.31 -9.53 32.42
C LEU A 89 31.63 -8.83 32.03
N ASN A 90 32.06 -7.86 32.84
CA ASN A 90 33.26 -7.08 32.56
C ASN A 90 33.22 -6.49 31.15
N SER A 91 32.06 -5.92 30.80
CA SER A 91 31.88 -5.29 29.50
C SER A 91 30.95 -4.11 29.68
N ARG A 92 30.59 -3.46 28.56
CA ARG A 92 29.71 -2.31 28.58
C ARG A 92 28.86 -2.31 27.32
N LEU A 93 27.76 -1.56 27.36
CA LEU A 93 26.95 -1.29 26.17
C LEU A 93 27.48 -0.03 25.49
N PHE A 94 27.67 -0.11 24.17
CA PHE A 94 28.08 1.03 23.36
C PHE A 94 26.84 1.61 22.71
N VAL A 95 26.36 2.75 23.21
CA VAL A 95 25.27 3.47 22.55
C VAL A 95 25.90 4.55 21.68
N VAL A 96 25.90 4.30 20.36
CA VAL A 96 26.45 5.24 19.39
C VAL A 96 25.31 6.13 18.90
N ARG A 97 25.46 7.43 19.09
CA ARG A 97 24.41 8.36 18.72
C ARG A 97 24.51 8.70 17.24
N GLY A 98 23.44 8.48 16.51
CA GLY A 98 23.40 8.74 15.08
C GLY A 98 22.47 7.76 14.39
N GLN A 99 22.66 7.63 13.06
CA GLN A 99 21.88 6.72 12.25
C GLN A 99 22.75 5.56 11.74
N PRO A 100 22.18 4.35 11.69
CA PRO A 100 23.02 3.16 11.42
C PRO A 100 23.76 3.21 10.09
N ALA A 101 23.13 3.72 9.04
CA ALA A 101 23.80 3.78 7.74
C ALA A 101 24.95 4.77 7.76
N ASP A 102 24.80 5.88 8.47
CA ASP A 102 25.86 6.88 8.54
C ASP A 102 26.99 6.45 9.48
N VAL A 103 26.68 5.62 10.47
CA VAL A 103 27.59 5.39 11.59
C VAL A 103 28.43 4.13 11.39
N PHE A 104 27.86 3.08 10.83
CA PHE A 104 28.55 1.79 10.75
C PHE A 104 29.89 1.85 10.01
N PRO A 105 30.03 2.53 8.86
CA PRO A 105 31.34 2.51 8.17
C PRO A 105 32.50 2.96 9.04
N ARG A 106 32.32 4.03 9.81
CA ARG A 106 33.36 4.45 10.74
C ARG A 106 33.57 3.42 11.84
N LEU A 107 32.50 2.74 12.27
CA LEU A 107 32.63 1.73 13.33
C LEU A 107 33.39 0.51 12.83
N PHE A 108 33.11 0.07 11.59
CA PHE A 108 33.85 -1.06 11.04
C PHE A 108 35.35 -0.76 10.98
N LYS A 109 35.71 0.47 10.59
CA LYS A 109 37.12 0.84 10.46
C LYS A 109 37.75 1.18 11.81
N GLU A 110 37.03 1.93 12.66
CA GLU A 110 37.61 2.35 13.94
C GLU A 110 37.82 1.15 14.87
N TRP A 111 36.91 0.19 14.85
CA TRP A 111 36.99 -0.98 15.73
C TRP A 111 37.55 -2.21 15.05
N GLY A 112 37.91 -2.12 13.77
CA GLY A 112 38.45 -3.27 13.06
C GLY A 112 37.47 -4.42 13.06
N VAL A 113 36.20 -4.11 12.79
CA VAL A 113 35.13 -5.09 12.93
C VAL A 113 35.24 -6.12 11.82
N THR A 114 35.29 -7.39 12.20
CA THR A 114 35.26 -8.48 11.23
C THR A 114 33.91 -9.16 11.15
N ARG A 115 33.04 -8.97 12.15
CA ARG A 115 31.76 -9.66 12.19
C ARG A 115 30.69 -8.74 12.77
N LEU A 116 29.50 -8.78 12.16
CA LEU A 116 28.33 -8.05 12.64
C LEU A 116 27.18 -9.03 12.77
N THR A 117 26.54 -9.07 13.93
CA THR A 117 25.39 -9.93 14.17
C THR A 117 24.24 -9.11 14.73
N PHE A 118 23.02 -9.42 14.26
CA PHE A 118 21.83 -8.78 14.81
C PHE A 118 20.64 -9.71 14.63
N GLU A 119 19.59 -9.43 15.41
CA GLU A 119 18.35 -10.18 15.29
C GLU A 119 17.59 -9.75 14.04
N TYR A 120 17.13 -10.73 13.26
CA TYR A 120 16.45 -10.45 12.01
C TYR A 120 15.20 -9.59 12.23
N ASP A 121 15.02 -8.58 11.37
CA ASP A 121 13.80 -7.79 11.36
C ASP A 121 13.01 -8.14 10.10
N SER A 122 11.89 -8.85 10.29
CA SER A 122 11.03 -9.24 9.18
C SER A 122 10.23 -8.07 8.62
N GLU A 123 10.05 -7.02 9.41
CA GLU A 123 9.22 -5.92 8.97
C GLU A 123 9.86 -5.22 7.78
N PRO A 124 9.08 -4.87 6.75
CA PRO A 124 9.69 -4.54 5.45
C PRO A 124 10.69 -3.41 5.48
N PHE A 125 10.35 -2.27 6.10
CA PHE A 125 11.30 -1.15 6.13
C PHE A 125 12.55 -1.50 6.91
N GLY A 126 12.41 -2.28 7.99
CA GLY A 126 13.59 -2.78 8.68
C GLY A 126 14.39 -3.75 7.84
N LYS A 127 13.71 -4.59 7.06
CA LYS A 127 14.42 -5.50 6.15
C LYS A 127 15.15 -4.73 5.06
N GLU A 128 14.61 -3.60 4.65
CA GLU A 128 15.28 -2.78 3.65
C GLU A 128 16.54 -2.13 4.22
N ARG A 129 16.43 -1.54 5.42
CA ARG A 129 17.60 -0.97 6.07
C ARG A 129 18.67 -2.03 6.29
N ASP A 130 18.28 -3.19 6.82
CA ASP A 130 19.26 -4.22 7.11
C ASP A 130 19.90 -4.77 5.85
N ALA A 131 19.16 -4.78 4.73
CA ALA A 131 19.76 -5.19 3.46
C ALA A 131 20.82 -4.20 3.00
N ALA A 132 20.62 -2.90 3.27
CA ALA A 132 21.63 -1.92 2.95
C ALA A 132 22.86 -2.06 3.86
N ILE A 133 22.64 -2.27 5.16
CA ILE A 133 23.76 -2.45 6.08
C ILE A 133 24.60 -3.65 5.68
N MET A 134 23.95 -4.71 5.18
CA MET A 134 24.67 -5.93 4.82
C MET A 134 25.52 -5.73 3.57
N LYS A 135 25.02 -4.96 2.60
CA LYS A 135 25.82 -4.64 1.42
C LYS A 135 27.04 -3.80 1.82
N MET A 136 26.85 -2.87 2.75
CA MET A 136 27.95 -2.04 3.22
C MET A 136 28.99 -2.86 3.96
N ALA A 137 28.55 -3.84 4.75
CA ALA A 137 29.48 -4.70 5.48
C ALA A 137 30.24 -5.61 4.51
N LYS A 138 29.55 -6.20 3.54
CA LYS A 138 30.20 -7.05 2.56
C LYS A 138 31.31 -6.30 1.83
N GLU A 139 31.05 -5.04 1.45
CA GLU A 139 32.10 -4.22 0.86
C GLU A 139 33.25 -4.02 1.85
N ALA A 140 32.92 -3.87 3.14
CA ALA A 140 33.96 -3.73 4.15
C ALA A 140 34.65 -5.05 4.49
N GLY A 141 34.15 -6.17 3.99
CA GLY A 141 34.68 -7.45 4.37
C GLY A 141 34.18 -7.96 5.70
N VAL A 142 33.20 -7.28 6.31
CA VAL A 142 32.63 -7.71 7.57
C VAL A 142 31.66 -8.86 7.32
N GLU A 143 31.82 -9.96 8.06
CA GLU A 143 30.88 -11.06 8.00
C GLU A 143 29.61 -10.67 8.75
N VAL A 144 28.46 -11.09 8.21
CA VAL A 144 27.16 -10.75 8.80
C VAL A 144 26.43 -12.04 9.14
N VAL A 145 25.89 -12.11 10.36
CA VAL A 145 25.12 -13.25 10.85
C VAL A 145 23.83 -12.72 11.45
N THR A 146 22.72 -13.37 11.11
CA THR A 146 21.42 -12.96 11.65
C THR A 146 20.68 -14.19 12.16
N GLU A 147 19.86 -13.98 13.19
CA GLU A 147 19.01 -15.01 13.74
C GLU A 147 17.63 -14.41 14.01
N ASN A 148 16.60 -15.22 13.81
CA ASN A 148 15.22 -14.71 13.85
C ASN A 148 14.55 -15.01 15.20
N SER A 149 15.20 -14.58 16.27
CA SER A 149 14.68 -14.80 17.61
C SER A 149 13.59 -13.83 18.01
N HIS A 150 13.07 -13.02 17.09
CA HIS A 150 11.99 -12.10 17.44
C HIS A 150 10.62 -12.72 17.29
N THR A 151 10.50 -13.78 16.49
CA THR A 151 9.25 -14.48 16.28
C THR A 151 9.40 -15.96 16.64
N LEU A 152 8.25 -16.61 16.86
CA LEU A 152 8.27 -18.03 17.19
C LEU A 152 8.79 -18.86 16.03
N TYR A 153 8.30 -18.59 14.82
CA TYR A 153 8.60 -19.38 13.65
C TYR A 153 9.47 -18.60 12.67
N ASP A 154 10.06 -19.35 11.73
CA ASP A 154 10.55 -18.75 10.50
C ASP A 154 9.34 -18.31 9.67
N LEU A 155 9.20 -17.00 9.47
CA LEU A 155 8.03 -16.49 8.77
C LEU A 155 8.06 -16.86 7.30
N ASP A 156 9.24 -16.84 6.69
CA ASP A 156 9.34 -17.20 5.28
C ASP A 156 8.96 -18.66 5.05
N ARG A 157 9.32 -19.53 6.01
CA ARG A 157 8.87 -20.91 5.97
C ARG A 157 7.35 -20.98 5.94
N ILE A 158 6.69 -20.22 6.82
CA ILE A 158 5.23 -20.17 6.84
C ILE A 158 4.69 -19.73 5.49
N ILE A 159 5.40 -18.82 4.82
CA ILE A 159 4.91 -18.29 3.55
C ILE A 159 5.11 -19.29 2.42
N GLU A 160 6.28 -19.95 2.37
CA GLU A 160 6.49 -21.01 1.39
C GLU A 160 5.39 -22.03 1.45
N LEU A 161 5.03 -22.46 2.66
CA LEU A 161 4.07 -23.54 2.83
C LEU A 161 2.66 -23.13 2.38
N ASN A 162 2.36 -21.83 2.43
CA ASN A 162 1.10 -21.32 1.91
C ASN A 162 1.16 -21.02 0.42
N GLY A 163 2.21 -21.44 -0.27
CA GLY A 163 2.34 -21.20 -1.69
C GLY A 163 3.00 -19.89 -2.06
N GLN A 164 3.86 -19.35 -1.19
CA GLN A 164 4.61 -18.12 -1.44
C GLN A 164 3.72 -16.88 -1.47
N LYS A 165 2.58 -16.94 -0.77
CA LYS A 165 1.77 -15.81 -0.36
C LYS A 165 1.56 -15.89 1.15
N PRO A 166 1.36 -14.78 1.83
CA PRO A 166 1.11 -14.84 3.28
C PRO A 166 -0.32 -15.27 3.56
N PRO A 167 -0.54 -16.06 4.60
CA PRO A 167 -1.92 -16.41 4.97
C PRO A 167 -2.75 -15.15 5.22
N LEU A 168 -3.96 -15.13 4.67
CA LEU A 168 -4.78 -13.93 4.72
C LEU A 168 -5.87 -13.97 5.77
N THR A 169 -6.04 -15.09 6.47
CA THR A 169 -6.92 -15.15 7.62
C THR A 169 -6.19 -15.81 8.77
N TYR A 170 -6.65 -15.52 9.98
CA TYR A 170 -6.10 -16.18 11.15
C TYR A 170 -6.31 -17.68 11.09
N LYS A 171 -7.47 -18.11 10.55
CA LYS A 171 -7.74 -19.53 10.42
C LYS A 171 -6.67 -20.23 9.58
N ARG A 172 -6.40 -19.70 8.38
CA ARG A 172 -5.39 -20.30 7.53
C ARG A 172 -4.01 -20.26 8.18
N PHE A 173 -3.71 -19.18 8.88
CA PHE A 173 -2.42 -19.08 9.58
C PHE A 173 -2.28 -20.19 10.61
N GLN A 174 -3.32 -20.41 11.42
CA GLN A 174 -3.33 -21.52 12.38
C GLN A 174 -3.08 -22.85 11.69
N ALA A 175 -3.75 -23.09 10.56
CA ALA A 175 -3.59 -24.36 9.85
C ALA A 175 -2.17 -24.53 9.32
N LEU A 176 -1.52 -23.44 8.91
CA LEU A 176 -0.14 -23.55 8.44
C LEU A 176 0.81 -23.92 9.57
N ILE A 177 0.66 -23.27 10.73
CA ILE A 177 1.51 -23.61 11.87
C ILE A 177 1.10 -24.93 12.51
N SER A 178 -0.17 -25.34 12.36
CA SER A 178 -0.54 -26.68 12.78
C SER A 178 0.24 -27.73 12.01
N ARG A 179 0.63 -27.44 10.77
CA ARG A 179 1.37 -28.38 9.94
C ARG A 179 2.87 -28.34 10.20
N MET A 180 3.35 -27.40 11.00
CA MET A 180 4.79 -27.14 11.13
C MET A 180 5.35 -27.71 12.43
N GLU A 181 6.67 -27.68 12.52
CA GLU A 181 7.36 -28.04 13.76
C GLU A 181 7.09 -27.00 14.83
N LEU A 182 7.33 -27.40 16.08
CA LEU A 182 7.24 -26.46 17.18
C LEU A 182 8.27 -25.35 17.01
N PRO A 183 8.01 -24.16 17.55
CA PRO A 183 9.02 -23.10 17.52
C PRO A 183 10.31 -23.53 18.19
N LYS A 184 11.41 -22.94 17.75
CA LYS A 184 12.71 -23.21 18.37
C LYS A 184 12.66 -22.87 19.85
N LYS A 185 13.24 -23.75 20.67
CA LYS A 185 13.32 -23.49 22.09
C LYS A 185 14.24 -22.29 22.33
N PRO A 186 14.05 -21.57 23.43
CA PRO A 186 14.93 -20.42 23.72
C PRO A 186 16.37 -20.87 23.82
N ALA A 187 17.27 -20.07 23.26
CA ALA A 187 18.68 -20.42 23.23
C ALA A 187 19.33 -20.16 24.59
N VAL A 188 20.39 -20.92 24.87
CA VAL A 188 21.15 -20.71 26.10
C VAL A 188 21.82 -19.35 26.04
N ALA A 189 21.80 -18.64 27.16
CA ALA A 189 22.45 -17.35 27.20
C ALA A 189 23.96 -17.52 27.11
N VAL A 190 24.64 -16.43 26.76
CA VAL A 190 26.08 -16.45 26.62
C VAL A 190 26.72 -16.69 27.99
N SER A 191 27.83 -17.41 27.99
CA SER A 191 28.53 -17.73 29.23
C SER A 191 29.21 -16.49 29.81
N SER A 192 29.23 -16.40 31.14
CA SER A 192 30.04 -15.38 31.81
C SER A 192 31.51 -15.55 31.43
N GLN A 193 32.00 -16.79 31.46
CA GLN A 193 33.37 -17.07 31.04
C GLN A 193 33.59 -16.67 29.59
N GLN A 194 32.65 -17.03 28.70
CA GLN A 194 32.77 -16.67 27.30
C GLN A 194 32.80 -15.16 27.12
N MET A 195 31.98 -14.42 27.90
CA MET A 195 31.97 -12.97 27.76
C MET A 195 33.21 -12.32 28.35
N GLU A 196 33.82 -12.93 29.37
CA GLU A 196 35.11 -12.45 29.84
C GLU A 196 36.16 -12.59 28.75
N SER A 197 36.15 -13.72 28.04
CA SER A 197 37.15 -13.99 27.01
C SER A 197 37.17 -12.90 25.94
N CYS A 198 35.98 -12.49 25.46
CA CYS A 198 35.87 -11.48 24.42
C CYS A 198 35.58 -10.09 24.97
N ARG A 199 35.93 -9.84 26.24
CA ARG A 199 35.65 -8.55 26.86
C ARG A 199 36.39 -7.44 26.14
N ALA A 200 35.66 -6.41 25.73
CA ALA A 200 36.24 -5.30 24.99
C ALA A 200 36.95 -4.35 25.94
N GLU A 201 38.02 -3.73 25.43
CA GLU A 201 38.70 -2.69 26.19
C GLU A 201 37.78 -1.49 26.36
N ILE A 202 37.56 -1.08 27.61
CA ILE A 202 36.63 -0.01 27.96
C ILE A 202 37.44 1.18 28.47
N GLN A 203 37.49 2.25 27.68
CA GLN A 203 38.19 3.46 28.08
C GLN A 203 37.35 4.27 29.05
N GLU A 204 38.02 5.03 29.91
CA GLU A 204 37.35 5.71 31.02
C GLU A 204 36.36 6.78 30.55
N ASN A 205 36.51 7.28 29.33
CA ASN A 205 35.55 8.23 28.76
C ASN A 205 34.36 7.53 28.11
N HIS A 206 34.01 6.32 28.57
CA HIS A 206 32.99 5.54 27.88
C HIS A 206 31.59 6.12 28.09
N ASP A 207 31.29 6.56 29.31
CA ASP A 207 29.98 7.14 29.57
C ASP A 207 29.76 8.41 28.76
N ASP A 208 30.82 9.14 28.43
CA ASP A 208 30.67 10.38 27.71
C ASP A 208 30.42 10.16 26.22
N THR A 209 30.93 9.07 25.66
CA THR A 209 30.74 8.78 24.23
C THR A 209 29.66 7.74 23.99
N TYR A 210 29.76 6.59 24.66
CA TYR A 210 28.94 5.42 24.37
C TYR A 210 27.92 5.13 25.48
N GLY A 211 27.76 6.05 26.43
CA GLY A 211 26.85 5.83 27.54
C GLY A 211 25.39 5.95 27.15
N VAL A 212 24.54 5.38 28.00
CA VAL A 212 23.09 5.37 27.78
C VAL A 212 22.53 6.72 28.21
N PRO A 213 21.95 7.50 27.31
CA PRO A 213 21.52 8.85 27.68
C PRO A 213 20.30 8.82 28.58
N SER A 214 20.17 9.87 29.38
CA SER A 214 18.96 10.07 30.17
C SER A 214 17.93 10.82 29.35
N LEU A 215 16.67 10.75 29.78
CA LEU A 215 15.62 11.53 29.14
C LEU A 215 15.93 13.01 29.16
N GLU A 216 16.52 13.50 30.26
CA GLU A 216 16.87 14.92 30.37
C GLU A 216 17.92 15.31 29.35
N GLU A 217 18.96 14.48 29.18
CA GLU A 217 19.98 14.76 28.18
C GLU A 217 19.38 14.88 26.78
N LEU A 218 18.31 14.16 26.51
CA LEU A 218 17.66 14.21 25.22
C LEU A 218 16.62 15.32 25.13
N GLY A 219 16.48 16.13 26.17
CA GLY A 219 15.61 17.29 26.13
C GLY A 219 14.18 17.05 26.53
N PHE A 220 13.86 15.86 27.04
CA PHE A 220 12.50 15.55 27.44
C PHE A 220 12.11 16.31 28.72
N PRO A 221 10.82 16.61 28.90
CA PRO A 221 10.38 17.20 30.17
C PRO A 221 10.34 16.17 31.30
N THR A 222 11.43 16.08 32.06
CA THR A 222 11.56 15.13 33.15
C THR A 222 11.00 15.67 34.47
N GLU A 223 10.59 16.94 34.51
CA GLU A 223 10.13 17.55 35.75
C GLU A 223 8.83 16.91 36.22
N GLY A 224 8.79 16.52 37.50
CA GLY A 224 7.58 15.97 38.09
C GLY A 224 7.09 14.71 37.41
N LEU A 225 8.01 13.90 36.88
CA LEU A 225 7.65 12.71 36.12
C LEU A 225 7.61 11.51 37.05
N GLY A 226 6.43 10.89 37.15
CA GLY A 226 6.28 9.72 37.99
C GLY A 226 7.14 8.58 37.51
N PRO A 227 7.34 7.58 38.37
CA PRO A 227 7.98 6.35 37.92
C PRO A 227 7.16 5.72 36.79
N ALA A 228 7.86 5.05 35.88
CA ALA A 228 7.20 4.46 34.73
C ALA A 228 6.28 3.33 35.17
N VAL A 229 5.05 3.33 34.65
CA VAL A 229 4.13 2.22 34.88
C VAL A 229 4.69 0.93 34.29
N TRP A 230 5.43 1.04 33.19
CA TRP A 230 6.03 -0.09 32.48
C TRP A 230 7.54 0.13 32.44
N GLN A 231 8.22 -0.22 33.53
CA GLN A 231 9.67 -0.17 33.54
C GLN A 231 10.23 -1.05 32.44
N GLY A 232 11.23 -0.54 31.72
CA GLY A 232 11.79 -1.28 30.60
C GLY A 232 12.92 -2.21 31.02
N GLY A 233 13.27 -3.11 30.12
CA GLY A 233 14.48 -3.89 30.32
C GLY A 233 14.22 -5.38 30.51
N GLU A 234 15.25 -6.17 30.20
CA GLU A 234 15.17 -7.62 30.31
C GLU A 234 14.84 -8.04 31.74
N THR A 235 15.51 -7.42 32.73
CA THR A 235 15.33 -7.80 34.12
C THR A 235 13.88 -7.63 34.56
N GLU A 236 13.26 -6.51 34.20
CA GLU A 236 11.85 -6.30 34.50
C GLU A 236 10.99 -7.35 33.81
N ALA A 237 11.29 -7.64 32.53
CA ALA A 237 10.54 -8.65 31.80
C ALA A 237 10.66 -10.03 32.46
N LEU A 238 11.87 -10.39 32.90
CA LEU A 238 12.06 -11.72 33.47
C LEU A 238 11.36 -11.86 34.81
N ALA A 239 11.39 -10.81 35.64
CA ALA A 239 10.62 -10.84 36.87
C ALA A 239 9.13 -10.92 36.57
N ARG A 240 8.67 -10.20 35.53
CA ARG A 240 7.26 -10.24 35.16
C ARG A 240 6.85 -11.61 34.64
N LEU A 241 7.75 -12.26 33.89
CA LEU A 241 7.44 -13.60 33.40
C LEU A 241 7.18 -14.55 34.55
N ASP A 242 8.05 -14.54 35.56
CA ASP A 242 7.90 -15.43 36.72
C ASP A 242 6.60 -15.15 37.46
N LYS A 243 6.25 -13.88 37.65
CA LYS A 243 5.02 -13.57 38.35
C LYS A 243 3.80 -13.91 37.50
N HIS A 244 3.92 -13.72 36.17
CA HIS A 244 2.80 -14.02 35.28
C HIS A 244 2.47 -15.51 35.24
N LEU A 245 3.48 -16.36 35.41
CA LEU A 245 3.34 -17.80 35.29
C LEU A 245 3.29 -18.51 36.63
N GLU A 246 2.91 -17.81 37.70
CA GLU A 246 2.67 -18.46 38.97
C GLU A 246 1.33 -19.20 38.95
N ARG A 247 1.25 -20.29 39.72
CA ARG A 247 0.06 -21.13 39.72
C ARG A 247 -1.19 -20.33 40.10
N LYS A 248 -1.04 -19.36 40.99
CA LYS A 248 -2.18 -18.52 41.37
C LYS A 248 -2.67 -17.69 40.19
N ALA A 249 -1.75 -17.07 39.44
CA ALA A 249 -2.16 -16.16 38.37
C ALA A 249 -2.79 -16.89 37.21
N TRP A 250 -2.39 -18.15 36.96
CA TRP A 250 -2.96 -18.92 35.86
C TRP A 250 -4.47 -19.08 36.00
N VAL A 251 -4.97 -19.10 37.24
CA VAL A 251 -6.42 -19.12 37.45
C VAL A 251 -7.03 -17.81 36.96
N ALA A 252 -6.35 -16.69 37.20
CA ALA A 252 -6.92 -15.38 36.88
C ALA A 252 -6.94 -15.14 35.38
N ASN A 253 -5.81 -15.35 34.70
CA ASN A 253 -5.67 -14.92 33.32
C ASN A 253 -5.74 -16.04 32.28
N TYR A 254 -5.83 -17.30 32.69
CA TYR A 254 -5.84 -18.40 31.73
C TYR A 254 -7.04 -19.30 31.87
N GLU A 255 -7.22 -19.97 33.02
CA GLU A 255 -8.31 -20.94 33.16
C GLU A 255 -9.67 -20.25 33.12
N ARG A 256 -9.78 -19.06 33.71
CA ARG A 256 -11.04 -18.34 33.78
C ARG A 256 -10.79 -16.84 33.55
N PRO A 257 -10.65 -16.43 32.29
CA PRO A 257 -10.52 -14.99 32.01
C PRO A 257 -11.88 -14.31 32.08
N ARG A 258 -11.95 -13.24 32.86
CA ARG A 258 -13.16 -12.44 32.98
C ARG A 258 -12.76 -10.98 33.06
N MET A 259 -13.60 -10.12 32.47
CA MET A 259 -13.29 -8.69 32.40
C MET A 259 -13.67 -8.02 33.72
N ASN A 260 -12.66 -7.57 34.46
CA ASN A 260 -12.87 -6.72 35.61
C ASN A 260 -12.53 -5.29 35.25
N ALA A 261 -13.13 -4.34 35.95
CA ALA A 261 -12.67 -2.96 35.83
C ALA A 261 -11.21 -2.84 36.26
N ASN A 262 -10.74 -3.74 37.14
CA ASN A 262 -9.32 -3.78 37.45
C ASN A 262 -8.49 -4.20 36.24
N SER A 263 -9.09 -4.97 35.33
CA SER A 263 -8.38 -5.35 34.11
C SER A 263 -8.02 -4.15 33.24
N LEU A 264 -8.74 -3.03 33.37
CA LEU A 264 -8.39 -1.84 32.60
C LEU A 264 -7.04 -1.28 33.02
N LEU A 265 -6.72 -1.39 34.31
CA LEU A 265 -5.46 -0.87 34.84
C LEU A 265 -4.31 -1.81 34.51
N ALA A 266 -3.11 -1.23 34.42
CA ALA A 266 -1.93 -2.00 34.03
C ALA A 266 -1.61 -3.06 35.09
N SER A 267 -1.36 -4.28 34.64
CA SER A 267 -1.01 -5.43 35.46
C SER A 267 0.49 -5.48 35.70
N PRO A 268 0.92 -5.78 36.94
CA PRO A 268 2.36 -5.96 37.19
C PRO A 268 2.93 -7.21 36.54
N THR A 269 2.10 -8.05 35.94
CA THR A 269 2.55 -9.26 35.25
C THR A 269 2.43 -9.16 33.73
N GLY A 270 1.94 -8.04 33.21
CA GLY A 270 1.79 -7.91 31.77
C GLY A 270 3.13 -7.97 31.06
N LEU A 271 3.13 -8.66 29.92
CA LEU A 271 4.37 -8.93 29.20
C LEU A 271 4.43 -8.27 27.83
N SER A 272 3.37 -7.59 27.41
CA SER A 272 3.28 -7.19 26.00
C SER A 272 4.30 -6.12 25.60
N PRO A 273 4.57 -5.07 26.41
CA PRO A 273 5.63 -4.14 25.99
C PRO A 273 6.98 -4.82 25.83
N TYR A 274 7.27 -5.80 26.69
CA TYR A 274 8.57 -6.45 26.69
C TYR A 274 8.73 -7.40 25.51
N LEU A 275 7.62 -7.96 25.00
CA LEU A 275 7.69 -8.72 23.76
C LEU A 275 7.99 -7.81 22.58
N ARG A 276 7.45 -6.59 22.60
CA ARG A 276 7.65 -5.68 21.47
C ARG A 276 9.11 -5.24 21.37
N PHE A 277 9.69 -4.80 22.48
CA PHE A 277 11.06 -4.31 22.50
C PHE A 277 12.10 -5.43 22.47
N GLY A 278 11.67 -6.68 22.59
CA GLY A 278 12.60 -7.79 22.67
C GLY A 278 13.21 -8.01 24.03
N CYS A 279 12.67 -7.37 25.08
CA CYS A 279 13.20 -7.60 26.42
C CYS A 279 12.87 -9.00 26.92
N LEU A 280 11.81 -9.60 26.40
CA LEU A 280 11.41 -10.96 26.72
C LEU A 280 11.33 -11.75 25.41
N SER A 281 12.04 -12.88 25.36
CA SER A 281 11.99 -13.75 24.20
C SER A 281 10.60 -14.39 24.09
N CYS A 282 10.01 -14.34 22.89
CA CYS A 282 8.70 -14.95 22.71
C CYS A 282 8.78 -16.46 22.82
N ARG A 283 9.90 -17.07 22.42
CA ARG A 283 10.06 -18.50 22.59
C ARG A 283 10.16 -18.89 24.06
N LEU A 284 10.84 -18.07 24.86
CA LEU A 284 10.93 -18.32 26.30
C LEU A 284 9.55 -18.27 26.93
N PHE A 285 8.80 -17.19 26.69
CA PHE A 285 7.41 -17.11 27.14
C PHE A 285 6.61 -18.34 26.68
N TYR A 286 6.76 -18.71 25.41
CA TYR A 286 5.93 -19.75 24.80
C TYR A 286 6.09 -21.08 25.51
N TYR A 287 7.33 -21.49 25.80
CA TYR A 287 7.55 -22.79 26.41
C TYR A 287 7.38 -22.76 27.91
N ARG A 288 7.75 -21.65 28.55
CA ARG A 288 7.46 -21.49 29.97
C ARG A 288 5.97 -21.56 30.24
N LEU A 289 5.17 -20.92 29.36
CA LEU A 289 3.73 -21.03 29.46
C LEU A 289 3.26 -22.46 29.19
N TRP A 290 3.88 -23.12 28.22
CA TRP A 290 3.53 -24.51 27.93
C TRP A 290 3.78 -25.40 29.14
N ASP A 291 4.92 -25.19 29.82
CA ASP A 291 5.24 -26.01 30.98
C ASP A 291 4.29 -25.74 32.14
N LEU A 292 3.86 -24.48 32.31
CA LEU A 292 2.81 -24.21 33.28
C LEU A 292 1.55 -24.99 32.95
N TYR A 293 1.19 -25.04 31.67
CA TYR A 293 0.01 -25.81 31.26
C TYR A 293 0.17 -27.28 31.61
N LYS A 294 1.37 -27.84 31.41
CA LYS A 294 1.61 -29.23 31.76
C LYS A 294 1.54 -29.46 33.27
N LYS A 295 1.94 -28.47 34.07
CA LYS A 295 1.88 -28.59 35.52
C LYS A 295 0.47 -28.39 36.05
N VAL A 296 -0.34 -27.55 35.40
CA VAL A 296 -1.71 -27.32 35.86
C VAL A 296 -2.62 -28.45 35.41
N LYS A 297 -2.52 -28.86 34.16
CA LYS A 297 -3.29 -29.98 33.63
C LYS A 297 -2.30 -31.04 33.16
N ARG A 298 -2.46 -32.26 33.67
CA ARG A 298 -1.50 -33.34 33.40
C ARG A 298 -1.35 -33.61 31.91
N ASN A 299 -2.27 -33.08 31.11
CA ASN A 299 -2.18 -33.18 29.65
C ASN A 299 -0.97 -32.39 29.15
N SER A 300 -0.31 -32.93 28.14
CA SER A 300 0.85 -32.30 27.54
C SER A 300 0.53 -31.58 26.25
N THR A 301 -0.74 -31.58 25.82
CA THR A 301 -1.14 -30.97 24.55
C THR A 301 -2.09 -29.80 24.81
N PRO A 302 -1.59 -28.57 24.82
CA PRO A 302 -2.46 -27.42 24.98
C PRO A 302 -3.16 -27.09 23.68
N PRO A 303 -4.25 -26.32 23.72
CA PRO A 303 -4.84 -25.82 22.49
C PRO A 303 -4.08 -24.58 22.02
N LEU A 304 -4.17 -24.31 20.72
CA LEU A 304 -3.49 -23.14 20.17
C LEU A 304 -4.02 -21.85 20.79
N SER A 305 -5.27 -21.84 21.26
CA SER A 305 -5.85 -20.64 21.84
C SER A 305 -5.07 -20.17 23.06
N LEU A 306 -4.38 -21.10 23.73
CA LEU A 306 -3.58 -20.73 24.90
C LEU A 306 -2.56 -19.65 24.55
N PHE A 307 -1.91 -19.78 23.39
CA PHE A 307 -0.91 -18.83 22.93
C PHE A 307 -1.51 -17.78 21.99
N GLY A 308 -2.80 -17.45 22.20
CA GLY A 308 -3.51 -16.62 21.22
C GLY A 308 -2.82 -15.31 20.90
N GLN A 309 -2.45 -14.56 21.93
CA GLN A 309 -1.78 -13.28 21.72
C GLN A 309 -0.48 -13.44 20.94
N LEU A 310 0.33 -14.44 21.31
CA LEU A 310 1.57 -14.69 20.58
C LEU A 310 1.31 -15.07 19.13
N LEU A 311 0.21 -15.78 18.87
CA LEU A 311 -0.10 -16.23 17.52
C LEU A 311 -0.67 -15.09 16.67
N TRP A 312 -1.47 -14.20 17.27
CA TRP A 312 -1.87 -13.00 16.56
C TRP A 312 -0.66 -12.13 16.22
N ARG A 313 0.22 -11.93 17.19
CA ARG A 313 1.53 -11.33 16.94
C ARG A 313 2.17 -11.94 15.70
N GLU A 314 2.30 -13.27 15.71
CA GLU A 314 3.02 -13.97 14.65
C GLU A 314 2.28 -13.91 13.31
N PHE A 315 0.95 -13.92 13.35
CA PHE A 315 0.15 -13.70 12.16
C PHE A 315 0.51 -12.37 11.50
N PHE A 316 0.39 -11.27 12.24
CA PHE A 316 0.62 -9.94 11.68
C PHE A 316 2.04 -9.77 11.16
N TYR A 317 3.03 -10.31 11.89
CA TYR A 317 4.40 -10.27 11.36
C TYR A 317 4.52 -11.05 10.06
N THR A 318 3.76 -12.14 9.92
CA THR A 318 3.83 -12.95 8.72
C THR A 318 3.20 -12.23 7.54
N ALA A 319 2.04 -11.59 7.76
CA ALA A 319 1.36 -10.90 6.68
C ALA A 319 2.13 -9.68 6.19
N ALA A 320 2.84 -9.01 7.10
CA ALA A 320 3.45 -7.71 6.79
C ALA A 320 4.86 -7.82 6.22
N THR A 321 5.55 -8.94 6.40
CA THR A 321 6.98 -9.00 6.09
C THR A 321 7.27 -8.74 4.62
N ASN A 322 6.32 -8.98 3.72
CA ASN A 322 6.55 -8.76 2.30
C ASN A 322 5.63 -7.68 1.73
N ASN A 323 4.93 -6.92 2.58
CA ASN A 323 3.97 -5.92 2.15
C ASN A 323 4.39 -4.57 2.71
N PRO A 324 5.23 -3.81 2.00
CA PRO A 324 5.69 -2.51 2.55
C PRO A 324 4.57 -1.49 2.67
N ARG A 325 3.45 -1.67 1.98
CA ARG A 325 2.29 -0.79 2.12
C ARG A 325 1.34 -1.28 3.19
N PHE A 326 1.83 -2.13 4.11
CA PHE A 326 0.97 -2.77 5.09
C PHE A 326 0.25 -1.77 5.98
N ASP A 327 0.84 -0.58 6.18
CA ASP A 327 0.19 0.44 6.98
C ASP A 327 -0.68 1.38 6.19
N ARG A 328 -0.73 1.25 4.86
CA ARG A 328 -1.52 2.13 4.00
C ARG A 328 -2.79 1.45 3.54
N MET A 329 -3.76 2.26 3.13
CA MET A 329 -4.92 1.72 2.43
C MET A 329 -4.62 1.56 0.94
N GLU A 330 -4.47 2.68 0.23
CA GLU A 330 -4.24 2.65 -1.20
C GLU A 330 -2.99 1.86 -1.54
N GLY A 331 -3.09 1.05 -2.61
CA GLY A 331 -1.98 0.25 -3.07
C GLY A 331 -1.69 -0.97 -2.25
N ASN A 332 -2.41 -1.17 -1.14
CA ASN A 332 -2.17 -2.30 -0.25
C ASN A 332 -3.01 -3.48 -0.68
N PRO A 333 -2.43 -4.54 -1.24
CA PRO A 333 -3.23 -5.60 -1.88
C PRO A 333 -4.24 -6.27 -0.96
N ILE A 334 -3.96 -6.30 0.35
CA ILE A 334 -4.83 -7.00 1.29
C ILE A 334 -5.93 -6.11 1.84
N CYS A 335 -5.90 -4.81 1.57
CA CYS A 335 -6.76 -3.85 2.24
C CYS A 335 -7.97 -3.49 1.38
N ILE A 336 -9.14 -3.48 1.99
CA ILE A 336 -10.34 -2.99 1.31
C ILE A 336 -10.26 -1.48 1.19
N GLN A 337 -10.58 -0.96 0.01
CA GLN A 337 -10.49 0.46 -0.26
C GLN A 337 -11.82 1.13 0.08
N ILE A 338 -11.80 2.02 1.06
CA ILE A 338 -12.99 2.61 1.67
C ILE A 338 -12.80 4.13 1.68
N PRO A 339 -13.81 4.91 1.26
CA PRO A 339 -13.63 6.37 1.25
C PRO A 339 -13.81 6.97 2.65
N TRP A 340 -12.72 6.94 3.41
CA TRP A 340 -12.75 7.45 4.78
C TRP A 340 -12.89 8.96 4.78
N ASP A 341 -13.62 9.49 5.75
CA ASP A 341 -13.72 10.93 5.91
C ASP A 341 -12.35 11.52 6.20
N ARG A 342 -12.14 12.73 5.71
CA ARG A 342 -11.00 13.56 6.10
C ARG A 342 -11.51 14.53 7.17
N ASN A 343 -11.08 14.33 8.41
CA ASN A 343 -11.53 15.17 9.53
C ASN A 343 -10.35 15.37 10.48
N PRO A 344 -9.43 16.28 10.15
CA PRO A 344 -8.22 16.43 10.96
C PRO A 344 -8.50 16.94 12.36
N GLU A 345 -9.56 17.70 12.55
CA GLU A 345 -9.87 18.22 13.88
C GLU A 345 -10.49 17.15 14.76
N ALA A 346 -11.35 16.29 14.19
CA ALA A 346 -11.86 15.16 14.95
C ALA A 346 -10.73 14.19 15.29
N LEU A 347 -9.85 13.93 14.33
CA LEU A 347 -8.72 13.06 14.61
C LEU A 347 -7.87 13.59 15.76
N ALA A 348 -7.65 14.91 15.80
CA ALA A 348 -6.84 15.48 16.87
C ALA A 348 -7.58 15.42 18.20
N LYS A 349 -8.87 15.73 18.21
CA LYS A 349 -9.66 15.60 19.43
C LYS A 349 -9.66 14.16 19.91
N TRP A 350 -9.79 13.20 19.00
CA TRP A 350 -9.67 11.80 19.36
C TRP A 350 -8.29 11.50 19.91
N ALA A 351 -7.24 12.05 19.30
CA ALA A 351 -5.89 11.74 19.72
C ALA A 351 -5.57 12.34 21.09
N GLU A 352 -6.21 13.45 21.44
CA GLU A 352 -5.90 14.17 22.67
C GLU A 352 -6.90 13.89 23.79
N GLY A 353 -7.83 12.96 23.58
CA GLY A 353 -8.84 12.70 24.60
C GLY A 353 -9.75 13.89 24.84
N LYS A 354 -10.22 14.54 23.77
CA LYS A 354 -11.15 15.66 23.86
C LYS A 354 -12.39 15.41 23.02
N THR A 355 -12.78 14.14 22.86
CA THR A 355 -13.98 13.81 22.11
C THR A 355 -15.25 14.19 22.85
N GLY A 356 -15.16 14.40 24.16
CA GLY A 356 -16.34 14.63 24.97
C GLY A 356 -17.02 13.37 25.45
N PHE A 357 -16.57 12.20 25.00
CA PHE A 357 -17.06 10.93 25.50
C PHE A 357 -16.11 10.42 26.56
N PRO A 358 -16.45 10.53 27.85
CA PRO A 358 -15.47 10.22 28.92
C PRO A 358 -14.84 8.84 28.81
N TRP A 359 -15.59 7.84 28.35
CA TRP A 359 -15.02 6.52 28.17
C TRP A 359 -13.91 6.54 27.12
N ILE A 360 -14.15 7.22 26.00
CA ILE A 360 -13.11 7.33 24.98
C ILE A 360 -11.96 8.18 25.50
N ASP A 361 -12.26 9.33 26.12
CA ASP A 361 -11.21 10.24 26.56
C ASP A 361 -10.38 9.63 27.68
N ALA A 362 -11.01 8.88 28.59
CA ALA A 362 -10.23 8.22 29.65
C ALA A 362 -9.23 7.24 29.06
N ILE A 363 -9.64 6.49 28.03
CA ILE A 363 -8.75 5.49 27.43
C ILE A 363 -7.59 6.17 26.72
N MET A 364 -7.88 7.21 25.92
CA MET A 364 -6.82 7.90 25.19
C MET A 364 -5.87 8.61 26.15
N THR A 365 -6.41 9.12 27.26
CA THR A 365 -5.57 9.70 28.30
C THR A 365 -4.63 8.67 28.90
N GLN A 366 -5.17 7.51 29.27
CA GLN A 366 -4.35 6.45 29.83
C GLN A 366 -3.24 6.05 28.87
N LEU A 367 -3.57 5.89 27.59
CA LEU A 367 -2.60 5.49 26.58
C LEU A 367 -1.49 6.54 26.44
N ARG A 368 -1.87 7.82 26.40
CA ARG A 368 -0.88 8.89 26.35
C ARG A 368 -0.01 8.89 27.60
N GLN A 369 -0.63 8.76 28.78
CA GLN A 369 0.11 8.88 30.03
C GLN A 369 0.97 7.66 30.32
N GLU A 370 0.52 6.47 29.91
CA GLU A 370 1.15 5.22 30.35
C GLU A 370 1.73 4.38 29.23
N GLY A 371 1.17 4.43 28.03
CA GLY A 371 1.69 3.66 26.91
C GLY A 371 1.04 2.31 26.72
N TRP A 372 0.02 1.98 27.52
CA TRP A 372 -0.70 0.73 27.39
C TRP A 372 -2.18 0.95 27.69
N ILE A 373 -3.04 0.29 26.92
CA ILE A 373 -4.47 0.20 27.21
C ILE A 373 -4.93 -1.22 26.92
N HIS A 374 -6.00 -1.61 27.61
CA HIS A 374 -6.58 -2.93 27.41
C HIS A 374 -7.10 -3.07 25.98
N HIS A 375 -7.10 -4.31 25.48
CA HIS A 375 -7.63 -4.59 24.14
C HIS A 375 -9.09 -4.18 24.02
N LEU A 376 -9.88 -4.40 25.06
CA LEU A 376 -11.23 -3.86 25.08
C LEU A 376 -11.21 -2.34 24.90
N ALA A 377 -10.35 -1.66 25.67
CA ALA A 377 -10.21 -0.21 25.53
C ALA A 377 -9.72 0.18 24.14
N ARG A 378 -8.85 -0.64 23.53
CA ARG A 378 -8.45 -0.39 22.15
C ARG A 378 -9.62 -0.56 21.20
N HIS A 379 -10.47 -1.57 21.44
CA HIS A 379 -11.65 -1.78 20.63
C HIS A 379 -12.54 -0.54 20.63
N ALA A 380 -12.88 -0.05 21.82
CA ALA A 380 -13.75 1.11 21.91
C ALA A 380 -13.14 2.31 21.19
N VAL A 381 -11.83 2.52 21.39
CA VAL A 381 -11.16 3.72 20.91
C VAL A 381 -10.89 3.64 19.41
N ALA A 382 -10.53 2.46 18.90
CA ALA A 382 -10.37 2.30 17.46
C ALA A 382 -11.72 2.39 16.76
N CYS A 383 -12.78 1.89 17.40
CA CYS A 383 -14.12 2.00 16.81
C CYS A 383 -14.55 3.45 16.70
N PHE A 384 -14.34 4.24 17.76
CA PHE A 384 -14.77 5.63 17.73
C PHE A 384 -14.10 6.41 16.60
N LEU A 385 -12.86 6.06 16.26
CA LEU A 385 -12.21 6.76 15.17
C LEU A 385 -12.67 6.28 13.81
N THR A 386 -12.98 4.99 13.68
CA THR A 386 -13.26 4.41 12.37
C THR A 386 -14.74 4.12 12.17
N ARG A 387 -15.10 2.87 11.91
CA ARG A 387 -16.46 2.56 11.49
C ARG A 387 -17.51 2.83 12.56
N GLY A 388 -17.10 3.02 13.82
CA GLY A 388 -18.07 3.29 14.87
C GLY A 388 -18.67 4.67 14.78
N ASP A 389 -17.81 5.69 14.70
CA ASP A 389 -18.28 7.07 14.81
C ASP A 389 -17.71 8.00 13.74
N LEU A 390 -16.42 8.32 13.84
CA LEU A 390 -15.85 9.40 13.04
C LEU A 390 -15.64 9.03 11.57
N TRP A 391 -15.58 7.74 11.24
CA TRP A 391 -15.31 7.28 9.88
C TRP A 391 -13.98 7.80 9.35
N VAL A 392 -13.05 8.04 10.25
CA VAL A 392 -11.69 8.45 9.89
C VAL A 392 -10.87 7.19 9.68
N SER A 393 -9.99 7.21 8.69
CA SER A 393 -9.24 6.03 8.29
C SER A 393 -8.46 5.43 9.46
N TRP A 394 -8.41 4.10 9.49
CA TRP A 394 -7.55 3.39 10.44
C TRP A 394 -6.09 3.80 10.30
N GLU A 395 -5.67 4.30 9.14
CA GLU A 395 -4.29 4.73 8.95
C GLU A 395 -3.93 5.82 9.94
N SER A 396 -4.86 6.72 10.22
CA SER A 396 -4.61 7.77 11.20
C SER A 396 -4.45 7.17 12.59
N GLY A 397 -5.37 6.29 12.98
CA GLY A 397 -5.24 5.62 14.26
C GLY A 397 -3.94 4.86 14.40
N VAL A 398 -3.42 4.32 13.29
CA VAL A 398 -2.12 3.67 13.34
C VAL A 398 -1.03 4.68 13.72
N ARG A 399 -1.10 5.89 13.16
CA ARG A 399 -0.08 6.90 13.45
C ARG A 399 -0.04 7.24 14.94
N VAL A 400 -1.22 7.45 15.55
CA VAL A 400 -1.25 7.82 16.97
C VAL A 400 -0.72 6.68 17.83
N PHE A 401 -1.18 5.46 17.58
CA PHE A 401 -0.72 4.33 18.38
C PHE A 401 0.77 4.08 18.20
N ASP A 402 1.33 4.45 17.05
CA ASP A 402 2.77 4.33 16.88
C ASP A 402 3.49 5.30 17.80
N GLU A 403 2.92 6.49 18.00
CA GLU A 403 3.52 7.47 18.88
C GLU A 403 3.42 7.07 20.34
N LEU A 404 2.33 6.41 20.74
CA LEU A 404 1.99 6.26 22.15
C LEU A 404 2.00 4.83 22.67
N LEU A 405 1.66 3.84 21.84
CA LEU A 405 1.42 2.48 22.34
C LEU A 405 2.71 1.66 22.34
N LEU A 406 2.99 1.03 23.49
CA LEU A 406 4.28 0.39 23.73
C LEU A 406 4.38 -1.02 23.18
N ASP A 407 3.27 -1.72 22.93
CA ASP A 407 3.33 -3.14 22.65
C ASP A 407 2.94 -3.52 21.22
N ALA A 408 3.08 -2.59 20.27
CA ALA A 408 2.65 -2.86 18.91
C ALA A 408 3.52 -2.06 17.94
N ASP A 409 4.28 -2.75 17.11
CA ASP A 409 5.09 -2.11 16.10
C ASP A 409 4.32 -2.09 14.77
N PHE A 410 5.04 -1.87 13.66
CA PHE A 410 4.45 -1.75 12.32
C PHE A 410 3.45 -2.87 12.03
N SER A 411 3.89 -4.11 12.16
CA SER A 411 3.09 -5.25 11.72
C SER A 411 1.87 -5.46 12.60
N VAL A 412 2.05 -5.43 13.92
CA VAL A 412 0.93 -5.68 14.82
C VAL A 412 -0.01 -4.48 14.89
N ASN A 413 0.52 -3.25 14.84
CA ASN A 413 -0.35 -2.09 14.95
C ASN A 413 -1.23 -1.95 13.71
N ALA A 414 -0.62 -2.00 12.51
CA ALA A 414 -1.40 -1.85 11.28
C ALA A 414 -2.39 -3.00 11.12
N GLY A 415 -1.92 -4.24 11.31
CA GLY A 415 -2.81 -5.39 11.18
C GLY A 415 -4.02 -5.28 12.09
N SER A 416 -3.80 -4.95 13.36
CA SER A 416 -4.91 -4.81 14.31
C SER A 416 -5.89 -3.74 13.84
N TRP A 417 -5.38 -2.61 13.34
CA TRP A 417 -6.27 -1.54 12.93
C TRP A 417 -7.10 -1.92 11.70
N MET A 418 -6.47 -2.54 10.69
CA MET A 418 -7.21 -3.04 9.55
C MET A 418 -8.23 -4.07 9.96
N TRP A 419 -7.83 -4.97 10.88
CA TRP A 419 -8.76 -5.96 11.41
C TRP A 419 -9.95 -5.28 12.07
N LEU A 420 -9.69 -4.33 12.97
CA LEU A 420 -10.78 -3.67 13.70
C LEU A 420 -11.70 -2.92 12.74
N SER A 421 -11.13 -2.21 11.76
CA SER A 421 -11.92 -1.40 10.84
C SER A 421 -12.63 -2.22 9.77
N CYS A 422 -12.43 -3.53 9.73
CA CYS A 422 -12.98 -4.41 8.70
C CYS A 422 -12.40 -4.08 7.33
N SER A 423 -11.11 -3.74 7.29
CA SER A 423 -10.42 -3.45 6.05
C SER A 423 -9.59 -4.61 5.54
N ALA A 424 -9.35 -5.63 6.37
CA ALA A 424 -8.61 -6.82 5.95
C ALA A 424 -8.89 -7.92 6.95
N PHE A 425 -8.51 -9.14 6.58
CA PHE A 425 -8.65 -10.33 7.43
C PHE A 425 -10.11 -10.59 7.83
N PHE A 430 -16.12 -7.75 13.77
CA PHE A 430 -17.05 -7.78 14.90
C PHE A 430 -18.09 -6.66 14.78
N HIS A 431 -18.55 -6.17 15.92
CA HIS A 431 -19.47 -5.05 15.98
C HIS A 431 -18.92 -4.00 16.93
N CYS A 432 -19.09 -2.72 16.57
CA CYS A 432 -18.60 -1.62 17.39
C CYS A 432 -19.64 -1.24 18.44
N TYR A 433 -19.16 -1.00 19.65
CA TYR A 433 -20.03 -0.78 20.80
C TYR A 433 -20.21 0.71 21.07
N CYS A 434 -21.14 0.99 21.96
CA CYS A 434 -21.47 2.36 22.32
C CYS A 434 -20.31 3.01 23.07
N PRO A 435 -19.86 4.21 22.67
CA PRO A 435 -18.84 4.91 23.46
C PRO A 435 -19.31 5.33 24.84
N VAL A 436 -20.62 5.27 25.10
CA VAL A 436 -21.15 5.51 26.44
C VAL A 436 -21.36 4.18 27.14
N GLY A 437 -22.16 3.31 26.51
CA GLY A 437 -22.62 2.11 27.19
C GLY A 437 -21.50 1.13 27.50
N PHE A 438 -20.57 0.95 26.57
CA PHE A 438 -19.51 -0.03 26.77
C PHE A 438 -18.68 0.32 27.99
N GLY A 439 -18.46 1.61 28.24
CA GLY A 439 -17.75 2.03 29.44
C GLY A 439 -18.52 1.71 30.70
N ARG A 440 -19.83 2.01 30.71
CA ARG A 440 -20.65 1.71 31.87
C ARG A 440 -20.70 0.22 32.16
N ARG A 441 -20.65 -0.62 31.13
CA ARG A 441 -20.69 -2.07 31.34
C ARG A 441 -19.36 -2.58 31.87
N THR A 442 -18.24 -2.03 31.38
CA THR A 442 -16.93 -2.53 31.79
C THR A 442 -16.56 -2.06 33.19
N ASP A 443 -16.89 -0.82 33.53
CA ASP A 443 -16.64 -0.28 34.87
C ASP A 443 -17.83 0.57 35.28
N PRO A 444 -18.84 -0.04 35.93
CA PRO A 444 -20.00 0.74 36.39
C PRO A 444 -19.65 1.78 37.46
N SER A 445 -18.54 1.62 38.17
CA SER A 445 -18.19 2.59 39.21
C SER A 445 -17.82 3.94 38.61
N GLY A 446 -17.20 3.94 37.43
CA GLY A 446 -16.65 5.15 36.86
C GLY A 446 -15.34 5.59 37.46
N ASP A 447 -14.75 4.78 38.35
CA ASP A 447 -13.47 5.14 38.93
C ASP A 447 -12.37 5.18 37.88
N TYR A 448 -12.48 4.34 36.85
CA TYR A 448 -11.59 4.47 35.69
C TYR A 448 -11.69 5.88 35.10
N ILE A 449 -12.92 6.38 34.93
CA ILE A 449 -13.11 7.73 34.42
C ILE A 449 -12.52 8.75 35.38
N ARG A 450 -12.77 8.57 36.68
CA ARG A 450 -12.27 9.54 37.65
C ARG A 450 -10.75 9.49 37.77
N ARG A 451 -10.15 8.32 37.58
CA ARG A 451 -8.70 8.21 37.67
C ARG A 451 -8.01 9.00 36.56
N TYR A 452 -8.57 8.97 35.36
CA TYR A 452 -7.89 9.54 34.20
C TYR A 452 -8.49 10.87 33.74
N LEU A 453 -9.76 11.13 34.05
CA LEU A 453 -10.39 12.42 33.79
C LEU A 453 -10.83 12.99 35.13
N PRO A 454 -9.90 13.58 35.90
CA PRO A 454 -10.28 14.07 37.23
C PRO A 454 -11.31 15.17 37.22
N LYS A 455 -11.31 16.06 36.22
CA LYS A 455 -12.31 17.13 36.17
C LYS A 455 -13.73 16.59 36.24
N LEU A 456 -13.93 15.30 35.96
CA LEU A 456 -15.22 14.64 36.07
C LEU A 456 -15.39 13.90 37.39
N LYS A 457 -14.41 13.96 38.30
CA LYS A 457 -14.48 13.21 39.55
C LYS A 457 -15.74 13.51 40.34
N GLY A 458 -16.24 14.75 40.24
CA GLY A 458 -17.43 15.11 40.99
C GLY A 458 -18.70 14.45 40.48
N PHE A 459 -18.75 14.10 39.20
CA PHE A 459 -19.97 13.59 38.60
C PHE A 459 -20.34 12.24 39.23
N PRO A 460 -21.64 11.99 39.46
CA PRO A 460 -22.05 10.68 39.97
C PRO A 460 -21.96 9.63 38.87
N SER A 461 -21.96 8.37 39.30
CA SER A 461 -21.73 7.26 38.37
C SER A 461 -22.81 7.20 37.29
N ARG A 462 -24.03 7.61 37.61
CA ARG A 462 -25.10 7.55 36.61
C ARG A 462 -24.83 8.50 35.45
N TYR A 463 -24.20 9.63 35.74
CA TYR A 463 -23.99 10.67 34.74
C TYR A 463 -22.54 10.81 34.29
N ILE A 464 -21.62 10.06 34.88
CA ILE A 464 -20.21 10.30 34.55
C ILE A 464 -19.88 9.85 33.14
N TYR A 465 -20.64 8.90 32.59
CA TYR A 465 -20.45 8.51 31.20
C TYR A 465 -21.29 9.32 30.23
N GLU A 466 -22.30 10.04 30.72
CA GLU A 466 -23.09 10.98 29.91
C GLU A 466 -23.21 12.29 30.66
N PRO A 467 -22.10 13.02 30.85
CA PRO A 467 -22.17 14.27 31.64
C PRO A 467 -23.00 15.34 30.97
N TRP A 468 -23.15 15.31 29.65
CA TRP A 468 -24.04 16.24 28.95
C TRP A 468 -25.51 16.02 29.31
N ASN A 469 -25.84 14.85 29.88
CA ASN A 469 -27.20 14.54 30.31
C ASN A 469 -27.45 14.83 31.78
N ALA A 470 -26.40 15.07 32.56
CA ALA A 470 -26.59 15.43 33.95
C ALA A 470 -27.23 16.81 34.05
N PRO A 471 -28.20 16.99 34.93
CA PRO A 471 -28.79 18.31 35.13
C PRO A 471 -27.71 19.32 35.52
N GLU A 472 -27.96 20.60 35.17
CA GLU A 472 -27.00 21.65 35.48
C GLU A 472 -26.67 21.69 36.97
N SER A 473 -27.62 21.33 37.83
CA SER A 473 -27.34 21.24 39.26
C SER A 473 -26.25 20.21 39.54
N VAL A 474 -26.29 19.08 38.83
CA VAL A 474 -25.26 18.05 39.02
C VAL A 474 -23.90 18.56 38.58
N GLN A 475 -23.85 19.28 37.45
CA GLN A 475 -22.58 19.77 36.93
C GLN A 475 -21.99 20.86 37.82
N LYS A 476 -22.86 21.74 38.35
CA LYS A 476 -22.38 22.75 39.29
C LYS A 476 -21.79 22.11 40.53
N ALA A 477 -22.46 21.09 41.07
CA ALA A 477 -21.93 20.37 42.22
C ALA A 477 -20.60 19.69 41.90
N ALA A 478 -20.46 19.20 40.68
CA ALA A 478 -19.23 18.55 40.26
C ALA A 478 -18.12 19.54 39.93
N LYS A 479 -18.42 20.84 39.95
CA LYS A 479 -17.47 21.87 39.52
C LYS A 479 -16.95 21.60 38.11
N CYS A 480 -17.82 21.09 37.25
CA CYS A 480 -17.43 20.68 35.90
C CYS A 480 -18.57 20.98 34.94
N ILE A 481 -18.41 22.06 34.18
CA ILE A 481 -19.46 22.54 33.28
C ILE A 481 -19.19 22.01 31.88
N ILE A 482 -20.14 21.25 31.34
CA ILE A 482 -19.95 20.62 30.03
C ILE A 482 -20.00 21.69 28.95
N GLY A 483 -18.93 21.77 28.14
CA GLY A 483 -18.74 22.82 27.17
C GLY A 483 -17.68 23.82 27.58
N VAL A 484 -17.46 23.99 28.88
CA VAL A 484 -16.44 24.90 29.40
C VAL A 484 -15.28 24.14 30.03
N ASP A 485 -15.55 23.34 31.06
CA ASP A 485 -14.51 22.60 31.75
C ASP A 485 -14.19 21.29 31.04
N TYR A 486 -15.21 20.63 30.50
CA TYR A 486 -15.05 19.39 29.75
C TYR A 486 -15.85 19.50 28.46
N PRO A 487 -15.27 19.07 27.33
CA PRO A 487 -15.93 19.28 26.05
C PRO A 487 -17.22 18.48 25.91
N ARG A 488 -18.22 19.12 25.29
CA ARG A 488 -19.43 18.41 24.93
C ARG A 488 -19.08 17.31 23.91
N PRO A 489 -19.94 16.30 23.77
CA PRO A 489 -19.64 15.21 22.82
C PRO A 489 -19.59 15.74 21.39
N ILE A 490 -18.53 15.36 20.67
CA ILE A 490 -18.27 15.98 19.37
C ILE A 490 -19.15 15.43 18.27
N VAL A 491 -19.70 14.22 18.42
CA VAL A 491 -20.68 13.69 17.48
C VAL A 491 -21.87 13.18 18.26
N ASN A 492 -22.97 13.00 17.54
CA ASN A 492 -24.15 12.32 18.06
C ASN A 492 -24.03 10.85 17.68
N HIS A 493 -23.74 10.00 18.67
CA HIS A 493 -23.47 8.60 18.37
C HIS A 493 -24.65 7.93 17.68
N ALA A 494 -25.87 8.31 18.07
CA ALA A 494 -27.05 7.76 17.42
C ALA A 494 -27.06 8.10 15.93
N GLU A 495 -26.73 9.35 15.59
CA GLU A 495 -26.79 9.77 14.20
C GLU A 495 -25.61 9.22 13.40
N THR A 496 -24.41 9.22 13.98
CA THR A 496 -23.24 8.76 13.24
C THR A 496 -23.27 7.25 13.02
N SER A 497 -23.74 6.48 14.01
CA SER A 497 -23.79 5.03 13.85
C SER A 497 -24.80 4.64 12.79
N ARG A 498 -25.93 5.35 12.70
CA ARG A 498 -26.90 5.09 11.64
C ARG A 498 -26.27 5.28 10.26
N LEU A 499 -25.62 6.43 10.06
CA LEU A 499 -24.89 6.66 8.81
C LEU A 499 -23.82 5.61 8.60
N ASN A 500 -23.05 5.31 9.65
CA ASN A 500 -21.92 4.41 9.50
C ASN A 500 -22.37 2.97 9.27
N ILE A 501 -23.48 2.56 9.89
CA ILE A 501 -23.95 1.19 9.70
C ILE A 501 -24.38 0.97 8.25
N GLU A 502 -25.08 1.95 7.66
CA GLU A 502 -25.47 1.81 6.27
C GLU A 502 -24.26 1.84 5.34
N ARG A 503 -23.24 2.65 5.67
CA ARG A 503 -21.99 2.61 4.92
C ARG A 503 -21.38 1.21 4.96
N MET A 504 -21.34 0.60 6.14
CA MET A 504 -20.80 -0.75 6.28
C MET A 504 -21.63 -1.78 5.54
N LYS A 505 -22.95 -1.57 5.48
CA LYS A 505 -23.80 -2.49 4.73
C LYS A 505 -23.47 -2.43 3.23
N GLN A 506 -23.16 -1.24 2.73
CA GLN A 506 -22.76 -1.09 1.33
C GLN A 506 -21.46 -1.86 1.06
N ILE A 507 -20.43 -1.62 1.86
CA ILE A 507 -19.13 -2.24 1.63
C ILE A 507 -19.25 -3.76 1.67
N TYR A 508 -20.01 -4.27 2.64
CA TYR A 508 -20.26 -5.70 2.73
C TYR A 508 -21.64 -6.05 2.14
N ALA B 23 27.34 -9.48 -33.06
CA ALA B 23 26.11 -8.70 -33.26
C ALA B 23 25.92 -7.66 -32.15
N SER B 24 25.75 -6.40 -32.54
CA SER B 24 25.42 -5.32 -31.62
C SER B 24 23.93 -5.05 -31.78
N SER B 25 23.17 -5.33 -30.73
CA SER B 25 21.71 -5.28 -30.77
C SER B 25 21.17 -4.14 -29.94
N VAL B 26 20.18 -3.45 -30.48
CA VAL B 26 19.41 -2.45 -29.76
C VAL B 26 17.99 -2.97 -29.63
N HIS B 27 17.53 -3.14 -28.39
CA HIS B 27 16.13 -3.45 -28.13
C HIS B 27 15.42 -2.14 -27.78
N TRP B 28 14.37 -1.83 -28.53
CA TRP B 28 13.67 -0.56 -28.41
C TRP B 28 12.41 -0.77 -27.58
N PHE B 29 12.36 -0.14 -26.41
CA PHE B 29 11.16 -0.13 -25.58
C PHE B 29 10.23 0.96 -26.06
N ARG B 30 8.96 0.61 -26.28
CA ARG B 30 7.91 1.60 -26.50
C ARG B 30 6.77 1.28 -25.54
N LYS B 31 5.93 0.33 -25.92
CA LYS B 31 5.21 -0.46 -24.94
C LYS B 31 6.13 -1.63 -24.60
N GLY B 32 5.59 -2.78 -24.23
CA GLY B 32 6.44 -3.90 -23.88
C GLY B 32 7.46 -3.57 -22.81
N LEU B 33 7.06 -2.75 -21.84
CA LEU B 33 7.96 -2.24 -20.81
C LEU B 33 8.11 -3.28 -19.71
N ARG B 34 8.84 -4.33 -20.04
CA ARG B 34 8.98 -5.49 -19.15
C ARG B 34 10.09 -6.38 -19.70
N LEU B 35 10.67 -7.18 -18.82
CA LEU B 35 11.65 -8.16 -19.23
C LEU B 35 11.08 -9.57 -19.39
N HIS B 36 9.94 -9.85 -18.76
CA HIS B 36 9.26 -11.13 -18.94
C HIS B 36 8.38 -11.06 -20.18
N ASP B 37 8.17 -12.22 -20.81
CA ASP B 37 7.49 -12.35 -22.10
C ASP B 37 7.88 -11.21 -23.04
N ASN B 38 9.16 -11.18 -23.38
CA ASN B 38 9.73 -10.17 -24.26
C ASN B 38 10.52 -10.87 -25.36
N PRO B 39 9.83 -11.52 -26.29
CA PRO B 39 10.54 -12.26 -27.34
C PRO B 39 11.47 -11.38 -28.15
N ALA B 40 11.11 -10.12 -28.36
CA ALA B 40 11.99 -9.20 -29.08
C ALA B 40 13.32 -9.01 -28.36
N LEU B 41 13.30 -8.95 -27.02
CA LEU B 41 14.55 -8.81 -26.29
C LEU B 41 15.35 -10.12 -26.34
N LEU B 42 14.66 -11.26 -26.29
CA LEU B 42 15.34 -12.54 -26.46
C LEU B 42 16.05 -12.60 -27.81
N ALA B 43 15.43 -12.04 -28.85
CA ALA B 43 16.04 -12.03 -30.17
C ALA B 43 17.27 -11.11 -30.20
N ALA B 44 17.22 -9.99 -29.47
CA ALA B 44 18.36 -9.09 -29.43
C ALA B 44 19.54 -9.72 -28.71
N VAL B 45 19.27 -10.49 -27.65
CA VAL B 45 20.34 -11.02 -26.82
C VAL B 45 21.04 -12.19 -27.49
N ARG B 46 20.27 -13.07 -28.14
CA ARG B 46 20.83 -14.31 -28.68
C ARG B 46 21.87 -14.02 -29.75
N GLY B 47 23.08 -14.54 -29.55
CA GLY B 47 24.16 -14.36 -30.51
C GLY B 47 24.67 -12.95 -30.63
N ALA B 48 24.61 -12.18 -29.55
CA ALA B 48 24.95 -10.76 -29.57
C ALA B 48 26.19 -10.51 -28.73
N ARG B 49 27.13 -9.74 -29.27
CA ARG B 49 28.27 -9.29 -28.48
C ARG B 49 27.87 -8.16 -27.55
N CYS B 50 26.89 -7.35 -27.94
CA CYS B 50 26.47 -6.18 -27.17
C CYS B 50 24.97 -5.97 -27.34
N VAL B 51 24.27 -5.73 -26.25
CA VAL B 51 22.85 -5.42 -26.28
C VAL B 51 22.63 -4.12 -25.52
N ARG B 52 21.78 -3.25 -26.07
CA ARG B 52 21.44 -1.98 -25.46
C ARG B 52 19.93 -1.85 -25.44
N CYS B 53 19.38 -1.58 -24.25
CA CYS B 53 17.95 -1.37 -24.09
C CYS B 53 17.68 0.13 -24.14
N VAL B 54 16.83 0.55 -25.06
CA VAL B 54 16.64 1.96 -25.37
C VAL B 54 15.17 2.32 -25.27
N TYR B 55 14.89 3.46 -24.64
CA TYR B 55 13.61 4.15 -24.77
C TYR B 55 13.90 5.54 -25.33
N ILE B 56 13.09 5.97 -26.30
CA ILE B 56 13.30 7.23 -27.00
C ILE B 56 12.21 8.21 -26.59
N LEU B 57 12.58 9.19 -25.77
CA LEU B 57 11.64 10.13 -25.19
C LEU B 57 11.75 11.46 -25.91
N ASP B 58 10.64 11.94 -26.48
CA ASP B 58 10.58 13.28 -27.03
C ASP B 58 10.32 14.24 -25.88
N PRO B 59 11.29 15.07 -25.49
CA PRO B 59 11.05 16.03 -24.41
C PRO B 59 10.20 17.21 -24.83
N TRP B 60 10.17 17.55 -26.12
CA TRP B 60 9.40 18.70 -26.59
C TRP B 60 7.90 18.44 -26.51
N PHE B 61 7.31 18.71 -25.35
CA PHE B 61 5.93 18.31 -25.07
C PHE B 61 4.91 19.07 -25.91
N ALA B 62 5.18 20.34 -26.22
CA ALA B 62 4.16 21.19 -26.84
C ALA B 62 3.98 20.90 -28.33
N ALA B 63 4.93 20.20 -28.94
CA ALA B 63 4.79 19.82 -30.35
C ALA B 63 3.87 18.62 -30.52
N SER B 64 3.78 17.76 -29.51
CA SER B 64 2.82 16.67 -29.50
C SER B 64 1.59 17.05 -28.69
N SER B 65 0.57 16.20 -28.75
CA SER B 65 -0.67 16.46 -28.03
C SER B 65 -0.50 16.19 -26.55
N SER B 66 -1.42 16.77 -25.76
CA SER B 66 -1.23 16.83 -24.32
C SER B 66 -1.30 15.46 -23.66
N VAL B 67 -0.38 15.23 -22.73
CA VAL B 67 -0.31 13.99 -21.96
C VAL B 67 -0.21 14.38 -20.49
N GLY B 68 -1.20 13.95 -19.70
CA GLY B 68 -1.27 14.34 -18.31
C GLY B 68 -0.14 13.77 -17.46
N ILE B 69 0.02 14.35 -16.27
CA ILE B 69 1.17 14.00 -15.43
C ILE B 69 1.12 12.54 -15.02
N ASN B 70 -0.08 11.96 -14.87
CA ASN B 70 -0.18 10.58 -14.40
C ASN B 70 0.40 9.61 -15.40
N ARG B 71 0.17 9.84 -16.69
CA ARG B 71 0.79 8.99 -17.71
C ARG B 71 2.30 9.16 -17.70
N TRP B 72 2.79 10.40 -17.66
CA TRP B 72 4.22 10.64 -17.58
C TRP B 72 4.82 10.00 -16.34
N ARG B 73 4.13 10.13 -15.20
CA ARG B 73 4.62 9.52 -13.98
C ARG B 73 4.68 8.01 -14.11
N PHE B 74 3.60 7.39 -14.60
CA PHE B 74 3.59 5.95 -14.80
C PHE B 74 4.71 5.52 -15.74
N LEU B 75 4.96 6.29 -16.80
CA LEU B 75 6.02 5.93 -17.74
C LEU B 75 7.39 6.01 -17.08
N LEU B 76 7.66 7.09 -16.34
CA LEU B 76 8.97 7.22 -15.71
C LEU B 76 9.21 6.12 -14.67
N GLN B 77 8.18 5.80 -13.88
CA GLN B 77 8.33 4.71 -12.90
C GLN B 77 8.52 3.36 -13.58
N SER B 78 7.94 3.16 -14.77
CA SER B 78 8.18 1.93 -15.50
C SER B 78 9.60 1.91 -16.08
N LEU B 79 10.06 3.05 -16.62
CA LEU B 79 11.42 3.11 -17.12
C LEU B 79 12.43 2.97 -15.99
N GLU B 80 12.13 3.57 -14.83
CA GLU B 80 13.01 3.42 -13.67
C GLU B 80 13.10 1.97 -13.24
N ASP B 81 11.97 1.26 -13.27
CA ASP B 81 11.97 -0.16 -12.93
C ASP B 81 12.83 -0.95 -13.91
N LEU B 82 12.67 -0.69 -15.22
CA LEU B 82 13.47 -1.36 -16.22
C LEU B 82 14.96 -1.11 -16.01
N ASP B 83 15.33 0.13 -15.67
CA ASP B 83 16.72 0.43 -15.37
C ASP B 83 17.19 -0.33 -14.14
N THR B 84 16.40 -0.30 -13.06
CA THR B 84 16.71 -1.10 -11.88
C THR B 84 16.84 -2.58 -12.24
N SER B 85 15.92 -3.09 -13.07
CA SER B 85 16.00 -4.48 -13.51
C SER B 85 17.30 -4.75 -14.25
N LEU B 86 17.74 -3.81 -15.10
CA LEU B 86 18.95 -4.02 -15.89
C LEU B 86 20.20 -3.87 -15.06
N ARG B 87 20.19 -2.98 -14.05
CA ARG B 87 21.34 -2.86 -13.15
C ARG B 87 21.65 -4.18 -12.47
N LYS B 88 20.62 -4.93 -12.07
CA LYS B 88 20.83 -6.22 -11.43
C LYS B 88 21.46 -7.24 -12.38
N LEU B 89 21.45 -6.95 -13.69
CA LEU B 89 22.16 -7.76 -14.67
C LEU B 89 23.43 -7.08 -15.16
N ASN B 90 23.89 -6.05 -14.45
CA ASN B 90 25.10 -5.29 -14.79
C ASN B 90 24.96 -4.60 -16.14
N SER B 91 23.78 -4.01 -16.39
CA SER B 91 23.54 -3.21 -17.58
C SER B 91 22.69 -2.02 -17.17
N ARG B 92 22.32 -1.19 -18.14
CA ARG B 92 21.53 0.01 -17.86
C ARG B 92 20.51 0.22 -18.97
N LEU B 93 19.53 1.05 -18.68
CA LEU B 93 18.55 1.50 -19.67
C LEU B 93 19.01 2.83 -20.25
N PHE B 94 19.12 2.89 -21.57
CA PHE B 94 19.46 4.13 -22.27
C PHE B 94 18.17 4.85 -22.63
N VAL B 95 17.88 5.96 -21.96
CA VAL B 95 16.79 6.84 -22.35
C VAL B 95 17.36 7.89 -23.29
N VAL B 96 16.97 7.82 -24.56
CA VAL B 96 17.52 8.69 -25.60
C VAL B 96 16.51 9.78 -25.91
N ARG B 97 16.90 11.03 -25.66
CA ARG B 97 16.02 12.16 -25.95
C ARG B 97 15.95 12.41 -27.44
N GLY B 98 14.76 12.77 -27.92
CA GLY B 98 14.55 13.12 -29.30
C GLY B 98 13.41 12.33 -29.89
N GLN B 99 13.40 12.24 -31.22
CA GLN B 99 12.40 11.48 -31.93
C GLN B 99 13.04 10.28 -32.63
N PRO B 100 12.34 9.14 -32.71
CA PRO B 100 12.99 7.92 -33.23
C PRO B 100 13.53 8.07 -34.65
N ALA B 101 12.83 8.81 -35.52
CA ALA B 101 13.29 8.96 -36.89
C ALA B 101 14.60 9.72 -36.96
N ASP B 102 14.76 10.75 -36.13
CA ASP B 102 16.02 11.50 -36.09
C ASP B 102 17.11 10.72 -35.38
N VAL B 103 16.75 10.02 -34.31
CA VAL B 103 17.73 9.50 -33.38
C VAL B 103 18.38 8.23 -33.89
N PHE B 104 17.60 7.36 -34.52
CA PHE B 104 18.07 6.02 -34.86
C PHE B 104 19.20 5.98 -35.89
N PRO B 105 19.21 6.81 -36.94
CA PRO B 105 20.39 6.82 -37.82
C PRO B 105 21.67 7.15 -37.09
N ARG B 106 21.65 8.22 -36.27
CA ARG B 106 22.83 8.57 -35.49
C ARG B 106 23.22 7.44 -34.54
N LEU B 107 22.22 6.82 -33.89
CA LEU B 107 22.52 5.77 -32.92
C LEU B 107 23.09 4.52 -33.58
N PHE B 108 22.56 4.16 -34.76
CA PHE B 108 23.02 2.94 -35.43
C PHE B 108 24.47 3.04 -35.85
N LYS B 109 24.94 4.24 -36.23
CA LYS B 109 26.34 4.42 -36.60
C LYS B 109 27.22 4.59 -35.37
N GLU B 110 26.75 5.32 -34.36
CA GLU B 110 27.55 5.54 -33.16
C GLU B 110 27.78 4.25 -32.38
N TRP B 111 26.85 3.30 -32.48
CA TRP B 111 26.94 2.05 -31.73
C TRP B 111 27.33 0.86 -32.59
N GLY B 112 27.47 1.05 -33.90
CA GLY B 112 27.73 -0.06 -34.79
C GLY B 112 26.63 -1.10 -34.69
N VAL B 113 25.38 -0.63 -34.72
CA VAL B 113 24.24 -1.51 -34.51
C VAL B 113 24.10 -2.47 -35.68
N THR B 114 24.00 -3.75 -35.38
CA THR B 114 23.74 -4.77 -36.39
C THR B 114 22.30 -5.26 -36.37
N ARG B 115 21.59 -5.08 -35.26
CA ARG B 115 20.25 -5.60 -35.10
C ARG B 115 19.41 -4.63 -34.28
N LEU B 116 18.19 -4.38 -34.75
CA LEU B 116 17.19 -3.64 -33.99
C LEU B 116 16.01 -4.56 -33.72
N THR B 117 15.58 -4.64 -32.47
CA THR B 117 14.44 -5.45 -32.10
C THR B 117 13.48 -4.63 -31.26
N PHE B 118 12.19 -4.89 -31.44
CA PHE B 118 11.17 -4.26 -30.64
C PHE B 118 9.89 -5.07 -30.75
N GLU B 119 8.97 -4.80 -29.84
CA GLU B 119 7.67 -5.42 -29.86
C GLU B 119 6.82 -4.77 -30.95
N TYR B 120 6.15 -5.59 -31.75
CA TYR B 120 5.33 -5.10 -32.84
C TYR B 120 4.27 -4.13 -32.31
N ASP B 121 3.96 -3.11 -33.11
CA ASP B 121 2.89 -2.17 -32.81
C ASP B 121 1.85 -2.29 -33.91
N SER B 122 0.68 -2.80 -33.56
CA SER B 122 -0.39 -3.01 -34.53
C SER B 122 -1.18 -1.74 -34.81
N GLU B 123 -1.13 -0.77 -33.91
CA GLU B 123 -1.95 0.43 -34.09
C GLU B 123 -1.46 1.22 -35.30
N PRO B 124 -2.37 1.76 -36.11
CA PRO B 124 -1.98 2.25 -37.45
C PRO B 124 -0.87 3.28 -37.44
N PHE B 125 -0.90 4.26 -36.52
CA PHE B 125 0.11 5.30 -36.55
C PHE B 125 1.48 4.76 -36.18
N GLY B 126 1.54 3.88 -35.18
CA GLY B 126 2.81 3.27 -34.83
C GLY B 126 3.34 2.35 -35.89
N LYS B 127 2.45 1.67 -36.63
CA LYS B 127 2.88 0.75 -37.68
C LYS B 127 3.52 1.52 -38.84
N GLU B 128 2.99 2.71 -39.16
CA GLU B 128 3.60 3.54 -40.18
C GLU B 128 4.97 4.03 -39.72
N ARG B 129 5.09 4.42 -38.45
CA ARG B 129 6.38 4.82 -37.90
C ARG B 129 7.38 3.67 -37.96
N ASP B 130 6.97 2.48 -37.51
CA ASP B 130 7.88 1.34 -37.48
C ASP B 130 8.35 0.97 -38.87
N ALA B 131 7.47 1.11 -39.87
CA ALA B 131 7.86 0.87 -41.24
C ALA B 131 8.97 1.82 -41.68
N ALA B 132 8.86 3.10 -41.33
CA ALA B 132 9.90 4.06 -41.66
C ALA B 132 11.23 3.70 -41.02
N ILE B 133 11.19 3.26 -39.75
CA ILE B 133 12.41 2.90 -39.05
C ILE B 133 13.05 1.67 -39.68
N MET B 134 12.24 0.70 -40.12
CA MET B 134 12.79 -0.48 -40.78
C MET B 134 13.38 -0.15 -42.15
N LYS B 135 12.91 0.95 -42.77
CA LYS B 135 13.52 1.38 -44.01
C LYS B 135 14.93 1.91 -43.76
N MET B 136 15.08 2.78 -42.76
CA MET B 136 16.41 3.26 -42.42
C MET B 136 17.31 2.12 -41.99
N ALA B 137 16.78 1.18 -41.21
CA ALA B 137 17.58 0.04 -40.76
C ALA B 137 18.09 -0.77 -41.94
N LYS B 138 17.21 -1.06 -42.92
CA LYS B 138 17.64 -1.78 -44.11
C LYS B 138 18.70 -1.02 -44.87
N GLU B 139 18.53 0.30 -45.00
CA GLU B 139 19.54 1.11 -45.67
C GLU B 139 20.87 1.07 -44.95
N ALA B 140 20.86 0.93 -43.61
CA ALA B 140 22.07 0.88 -42.82
C ALA B 140 22.60 -0.53 -42.63
N GLY B 141 21.93 -1.53 -43.18
CA GLY B 141 22.36 -2.91 -43.02
C GLY B 141 21.95 -3.54 -41.71
N VAL B 142 21.09 -2.89 -40.94
CA VAL B 142 20.70 -3.35 -39.61
C VAL B 142 19.54 -4.33 -39.75
N GLU B 143 19.70 -5.53 -39.20
CA GLU B 143 18.61 -6.49 -39.17
C GLU B 143 17.53 -6.02 -38.20
N VAL B 144 16.28 -6.28 -38.56
CA VAL B 144 15.14 -5.92 -37.72
C VAL B 144 14.35 -7.19 -37.43
N VAL B 145 14.02 -7.39 -36.17
CA VAL B 145 13.12 -8.46 -35.74
C VAL B 145 12.03 -7.83 -34.88
N THR B 146 10.78 -8.24 -35.10
CA THR B 146 9.65 -7.77 -34.31
C THR B 146 8.81 -8.95 -33.88
N GLU B 147 8.21 -8.83 -32.70
CA GLU B 147 7.37 -9.87 -32.14
C GLU B 147 6.06 -9.24 -31.66
N ASN B 148 4.98 -9.98 -31.78
CA ASN B 148 3.64 -9.48 -31.44
C ASN B 148 3.25 -9.89 -30.02
N SER B 149 4.03 -9.45 -29.04
CA SER B 149 3.77 -9.85 -27.66
C SER B 149 2.89 -8.86 -26.90
N HIS B 150 2.37 -7.83 -27.56
CA HIS B 150 1.41 -6.93 -26.93
C HIS B 150 -0.01 -7.46 -26.97
N THR B 151 -0.32 -8.32 -27.93
CA THR B 151 -1.63 -8.95 -28.06
C THR B 151 -1.52 -10.45 -27.85
N LEU B 152 -2.66 -11.07 -27.55
CA LEU B 152 -2.69 -12.52 -27.39
C LEU B 152 -2.50 -13.24 -28.72
N TYR B 153 -3.07 -12.69 -29.79
CA TYR B 153 -3.12 -13.34 -31.08
C TYR B 153 -2.32 -12.55 -32.12
N ASP B 154 -2.08 -13.21 -33.25
CA ASP B 154 -1.67 -12.51 -34.46
C ASP B 154 -2.93 -11.87 -35.01
N LEU B 155 -3.04 -10.55 -34.84
CA LEU B 155 -4.22 -9.83 -35.32
C LEU B 155 -4.42 -10.06 -36.82
N ASP B 156 -3.33 -10.12 -37.58
CA ASP B 156 -3.42 -10.31 -39.02
C ASP B 156 -3.98 -11.68 -39.40
N ARG B 157 -3.80 -12.67 -38.52
CA ARG B 157 -4.41 -13.98 -38.79
C ARG B 157 -5.89 -13.97 -38.48
N ILE B 158 -6.30 -13.24 -37.45
CA ILE B 158 -7.73 -13.05 -37.19
C ILE B 158 -8.38 -12.39 -38.40
N ILE B 159 -7.71 -11.39 -38.97
CA ILE B 159 -8.28 -10.64 -40.09
C ILE B 159 -8.32 -11.50 -41.34
N GLU B 160 -7.28 -12.30 -41.58
CA GLU B 160 -7.33 -13.29 -42.65
C GLU B 160 -8.63 -14.09 -42.60
N LEU B 161 -8.93 -14.65 -41.42
CA LEU B 161 -10.07 -15.55 -41.29
C LEU B 161 -11.39 -14.84 -41.50
N ASN B 162 -11.44 -13.52 -41.37
CA ASN B 162 -12.66 -12.77 -41.63
C ASN B 162 -12.74 -12.24 -43.06
N GLY B 163 -11.98 -12.81 -43.98
CA GLY B 163 -11.96 -12.32 -45.35
C GLY B 163 -11.08 -11.11 -45.58
N GLN B 164 -10.05 -10.95 -44.75
CA GLN B 164 -9.12 -9.82 -44.81
C GLN B 164 -9.80 -8.50 -44.46
N LYS B 165 -10.97 -8.55 -43.82
CA LYS B 165 -11.63 -7.40 -43.23
C LYS B 165 -11.71 -7.58 -41.72
N PRO B 166 -11.57 -6.52 -40.94
CA PRO B 166 -11.65 -6.67 -39.47
C PRO B 166 -13.05 -7.02 -39.03
N PRO B 167 -13.20 -7.87 -38.01
CA PRO B 167 -14.53 -8.15 -37.48
C PRO B 167 -15.08 -6.92 -36.77
N LEU B 168 -16.36 -6.67 -36.96
CA LEU B 168 -16.99 -5.48 -36.41
C LEU B 168 -18.01 -5.79 -35.32
N THR B 169 -18.23 -7.06 -34.99
CA THR B 169 -19.01 -7.42 -33.82
C THR B 169 -18.17 -8.31 -32.92
N TYR B 170 -18.48 -8.26 -31.63
CA TYR B 170 -17.78 -9.11 -30.67
C TYR B 170 -18.11 -10.58 -30.87
N LYS B 171 -19.31 -10.88 -31.37
CA LYS B 171 -19.66 -12.26 -31.67
C LYS B 171 -18.82 -12.80 -32.83
N ARG B 172 -18.69 -12.03 -33.90
CA ARG B 172 -17.82 -12.46 -35.00
C ARG B 172 -16.39 -12.64 -34.53
N PHE B 173 -15.93 -11.74 -33.65
CA PHE B 173 -14.58 -11.85 -33.10
C PHE B 173 -14.41 -13.15 -32.32
N GLN B 174 -15.36 -13.46 -31.42
CA GLN B 174 -15.28 -14.71 -30.67
C GLN B 174 -15.35 -15.92 -31.60
N ALA B 175 -16.21 -15.84 -32.63
CA ALA B 175 -16.32 -16.93 -33.60
C ALA B 175 -15.00 -17.17 -34.30
N LEU B 176 -14.27 -16.10 -34.64
CA LEU B 176 -13.00 -16.26 -35.34
C LEU B 176 -11.93 -16.83 -34.42
N ILE B 177 -11.80 -16.31 -33.21
CA ILE B 177 -10.73 -16.76 -32.33
C ILE B 177 -11.02 -18.15 -31.80
N SER B 178 -12.29 -18.54 -31.71
CA SER B 178 -12.60 -19.89 -31.27
C SER B 178 -12.24 -20.93 -32.34
N ARG B 179 -12.09 -20.50 -33.60
CA ARG B 179 -11.56 -21.36 -34.65
C ARG B 179 -10.05 -21.27 -34.78
N MET B 180 -9.39 -20.41 -34.02
CA MET B 180 -7.95 -20.28 -34.09
C MET B 180 -7.26 -21.13 -33.03
N GLU B 181 -5.94 -21.21 -33.13
CA GLU B 181 -5.14 -21.86 -32.11
C GLU B 181 -5.15 -21.03 -30.83
N LEU B 182 -4.67 -21.62 -29.74
CA LEU B 182 -4.56 -20.89 -28.49
C LEU B 182 -3.43 -19.88 -28.59
N PRO B 183 -3.54 -18.73 -27.92
CA PRO B 183 -2.46 -17.75 -27.94
C PRO B 183 -1.14 -18.37 -27.51
N LYS B 184 -0.05 -17.82 -28.03
CA LYS B 184 1.27 -18.29 -27.64
C LYS B 184 1.49 -18.08 -26.14
N LYS B 185 2.02 -19.12 -25.49
CA LYS B 185 2.33 -19.02 -24.08
C LYS B 185 3.46 -17.99 -23.86
N PRO B 186 3.52 -17.38 -22.68
CA PRO B 186 4.53 -16.33 -22.44
C PRO B 186 5.93 -16.88 -22.55
N ALA B 187 6.77 -16.16 -23.30
CA ALA B 187 8.17 -16.58 -23.43
C ALA B 187 8.91 -16.38 -22.12
N VAL B 188 9.95 -17.19 -21.90
CA VAL B 188 10.72 -17.10 -20.67
C VAL B 188 11.52 -15.81 -20.67
N ALA B 189 11.70 -15.25 -19.46
CA ALA B 189 12.48 -14.03 -19.32
C ALA B 189 13.94 -14.32 -19.70
N VAL B 190 14.67 -13.25 -19.99
CA VAL B 190 16.01 -13.39 -20.54
C VAL B 190 16.96 -13.86 -19.44
N SER B 191 18.04 -14.53 -19.85
CA SER B 191 19.03 -15.04 -18.92
C SER B 191 19.90 -13.91 -18.37
N SER B 192 20.19 -13.98 -17.06
CA SER B 192 21.10 -13.00 -16.48
C SER B 192 22.52 -13.19 -17.00
N GLN B 193 22.94 -14.44 -17.19
CA GLN B 193 24.26 -14.72 -17.74
C GLN B 193 24.38 -14.20 -19.16
N GLN B 194 23.35 -14.44 -19.99
CA GLN B 194 23.37 -13.98 -21.37
C GLN B 194 23.51 -12.46 -21.44
N MET B 195 22.81 -11.74 -20.56
CA MET B 195 22.92 -10.28 -20.54
C MET B 195 24.33 -9.83 -20.17
N GLU B 196 25.06 -10.62 -19.37
CA GLU B 196 26.43 -10.27 -19.05
C GLU B 196 27.33 -10.38 -20.28
N SER B 197 27.12 -11.41 -21.11
CA SER B 197 27.92 -11.56 -22.31
C SER B 197 27.69 -10.41 -23.29
N CYS B 198 26.52 -9.80 -23.25
CA CYS B 198 26.22 -8.63 -24.07
C CYS B 198 25.95 -7.38 -23.22
N ARG B 199 26.63 -7.27 -22.07
CA ARG B 199 26.53 -6.06 -21.27
C ARG B 199 27.21 -4.90 -22.00
N ALA B 200 26.52 -3.77 -22.07
CA ALA B 200 27.04 -2.60 -22.77
C ALA B 200 27.94 -1.78 -21.86
N GLU B 201 28.92 -1.12 -22.47
CA GLU B 201 29.81 -0.23 -21.72
C GLU B 201 29.00 0.93 -21.14
N ILE B 202 29.16 1.16 -19.85
CA ILE B 202 28.40 2.18 -19.13
C ILE B 202 29.38 3.27 -18.71
N GLN B 203 29.34 4.40 -19.39
CA GLN B 203 30.17 5.54 -19.04
C GLN B 203 29.69 6.17 -17.74
N GLU B 204 30.60 6.88 -17.06
CA GLU B 204 30.24 7.58 -15.84
C GLU B 204 29.29 8.74 -16.09
N ASN B 205 29.23 9.22 -17.34
CA ASN B 205 28.28 10.25 -17.75
C ASN B 205 26.94 9.68 -18.18
N HIS B 206 26.65 8.43 -17.83
CA HIS B 206 25.47 7.75 -18.37
C HIS B 206 24.19 8.41 -17.89
N ASP B 207 24.11 8.73 -16.60
CA ASP B 207 22.91 9.35 -16.06
C ASP B 207 22.69 10.73 -16.64
N ASP B 208 23.76 11.43 -17.01
CA ASP B 208 23.62 12.76 -17.60
C ASP B 208 22.99 12.69 -18.98
N THR B 209 23.31 11.63 -19.74
CA THR B 209 22.83 11.48 -21.10
C THR B 209 21.64 10.53 -21.23
N TYR B 210 21.67 9.39 -20.53
CA TYR B 210 20.71 8.32 -20.76
C TYR B 210 19.89 7.99 -19.52
N GLY B 211 19.90 8.86 -18.51
CA GLY B 211 19.15 8.59 -17.31
C GLY B 211 17.65 8.73 -17.52
N VAL B 212 16.90 8.14 -16.61
CA VAL B 212 15.44 8.29 -16.63
C VAL B 212 15.13 9.66 -16.03
N PRO B 213 14.57 10.60 -16.79
CA PRO B 213 14.25 11.91 -16.22
C PRO B 213 13.22 11.78 -15.11
N SER B 214 13.13 12.82 -14.29
CA SER B 214 12.10 12.89 -13.28
C SER B 214 11.03 13.86 -13.75
N LEU B 215 9.89 13.84 -13.05
CA LEU B 215 8.82 14.79 -13.36
C LEU B 215 9.32 16.22 -13.27
N GLU B 216 10.05 16.54 -12.20
CA GLU B 216 10.62 17.88 -12.06
C GLU B 216 11.50 18.24 -13.24
N GLU B 217 12.34 17.30 -13.71
CA GLU B 217 13.20 17.59 -14.85
C GLU B 217 12.40 17.76 -16.14
N LEU B 218 11.21 17.18 -16.22
CA LEU B 218 10.33 17.35 -17.37
C LEU B 218 9.38 18.53 -17.22
N GLY B 219 9.64 19.43 -16.28
CA GLY B 219 8.82 20.61 -16.11
C GLY B 219 7.51 20.42 -15.40
N PHE B 220 7.34 19.31 -14.70
CA PHE B 220 6.05 19.17 -14.02
C PHE B 220 6.14 19.71 -12.59
N PRO B 221 5.07 20.34 -12.09
CA PRO B 221 5.02 20.67 -10.67
C PRO B 221 4.83 19.41 -9.84
N THR B 222 5.71 19.22 -8.86
CA THR B 222 5.62 18.08 -7.98
C THR B 222 5.36 18.47 -6.53
N GLU B 223 5.14 19.75 -6.25
CA GLU B 223 4.84 20.18 -4.89
C GLU B 223 3.47 19.65 -4.47
N GLY B 224 3.43 18.97 -3.33
CA GLY B 224 2.20 18.39 -2.83
C GLY B 224 1.80 17.09 -3.51
N LEU B 225 2.64 16.54 -4.37
CA LEU B 225 2.33 15.30 -5.07
C LEU B 225 2.57 14.12 -4.15
N GLY B 226 1.51 13.39 -3.83
CA GLY B 226 1.65 12.21 -3.01
C GLY B 226 2.07 11.00 -3.82
N PRO B 227 2.10 9.84 -3.15
CA PRO B 227 2.43 8.61 -3.85
C PRO B 227 1.42 8.34 -4.94
N ALA B 228 1.91 7.87 -6.08
CA ALA B 228 1.01 7.54 -7.19
C ALA B 228 0.01 6.48 -6.74
N VAL B 229 -1.25 6.69 -7.12
CA VAL B 229 -2.28 5.70 -6.86
C VAL B 229 -2.02 4.43 -7.65
N TRP B 230 -1.32 4.54 -8.79
CA TRP B 230 -0.98 3.41 -9.66
C TRP B 230 0.53 3.45 -9.91
N GLN B 231 1.30 2.88 -8.99
CA GLN B 231 2.75 2.78 -9.17
C GLN B 231 3.06 2.06 -10.47
N GLY B 232 3.91 2.65 -11.30
CA GLY B 232 4.25 2.06 -12.58
C GLY B 232 5.29 0.96 -12.47
N GLY B 233 5.43 0.22 -13.55
CA GLY B 233 6.56 -0.70 -13.68
C GLY B 233 6.16 -2.15 -13.63
N GLU B 234 7.09 -2.99 -14.10
CA GLU B 234 6.87 -4.43 -14.17
C GLU B 234 6.81 -5.05 -12.78
N THR B 235 7.75 -4.69 -11.91
CA THR B 235 7.79 -5.24 -10.55
C THR B 235 6.44 -5.08 -9.87
N GLU B 236 5.86 -3.88 -9.93
CA GLU B 236 4.52 -3.65 -9.41
C GLU B 236 3.51 -4.54 -10.13
N ALA B 237 3.63 -4.65 -11.46
CA ALA B 237 2.66 -5.39 -12.24
C ALA B 237 2.66 -6.87 -11.87
N LEU B 238 3.84 -7.48 -11.81
CA LEU B 238 3.93 -8.89 -11.44
C LEU B 238 3.45 -9.11 -10.01
N ALA B 239 3.74 -8.17 -9.11
CA ALA B 239 3.26 -8.27 -7.74
C ALA B 239 1.74 -8.17 -7.70
N ARG B 240 1.16 -7.24 -8.46
CA ARG B 240 -0.29 -7.12 -8.49
C ARG B 240 -0.94 -8.36 -9.09
N LEU B 241 -0.32 -8.92 -10.14
CA LEU B 241 -0.88 -10.09 -10.80
C LEU B 241 -1.04 -11.25 -9.83
N ASP B 242 0.01 -11.52 -9.03
CA ASP B 242 -0.08 -12.58 -8.03
C ASP B 242 -1.18 -12.28 -7.01
N LYS B 243 -1.24 -11.04 -6.51
CA LYS B 243 -2.27 -10.68 -5.55
C LYS B 243 -3.66 -10.67 -6.17
N HIS B 244 -3.74 -10.49 -7.49
CA HIS B 244 -5.03 -10.53 -8.17
C HIS B 244 -5.53 -11.96 -8.31
N LEU B 245 -4.64 -12.90 -8.62
CA LEU B 245 -5.04 -14.29 -8.74
C LEU B 245 -5.33 -14.91 -7.37
N GLU B 246 -4.61 -14.48 -6.33
CA GLU B 246 -4.86 -14.98 -4.99
C GLU B 246 -6.24 -14.56 -4.49
N ARG B 247 -6.64 -13.32 -4.79
CA ARG B 247 -7.98 -12.86 -4.41
C ARG B 247 -9.06 -13.66 -5.14
N LYS B 248 -8.92 -13.79 -6.46
CA LYS B 248 -9.91 -14.54 -7.24
C LYS B 248 -10.08 -15.97 -6.70
N ALA B 249 -8.97 -16.60 -6.29
CA ALA B 249 -9.05 -17.93 -5.71
C ALA B 249 -9.89 -17.93 -4.44
N TRP B 250 -9.67 -16.94 -3.57
CA TRP B 250 -10.46 -16.78 -2.37
C TRP B 250 -11.83 -16.18 -2.70
N ASN B 262 -15.99 -3.50 -8.44
CA ASN B 262 -17.22 -3.46 -7.65
C ASN B 262 -17.28 -2.19 -6.80
N SER B 263 -16.13 -1.56 -6.60
CA SER B 263 -16.03 -0.27 -5.92
C SER B 263 -15.50 0.77 -6.90
N LEU B 264 -15.80 2.02 -6.62
CA LEU B 264 -15.34 3.09 -7.50
C LEU B 264 -13.89 3.48 -7.22
N LEU B 265 -13.30 3.01 -6.14
CA LEU B 265 -11.94 3.38 -5.79
C LEU B 265 -10.94 2.46 -6.47
N ALA B 266 -9.72 2.99 -6.68
CA ALA B 266 -8.68 2.23 -7.35
C ALA B 266 -8.32 0.97 -6.57
N SER B 267 -8.30 -0.16 -7.27
CA SER B 267 -8.01 -1.45 -6.64
C SER B 267 -6.50 -1.66 -6.54
N PRO B 268 -5.99 -2.06 -5.37
CA PRO B 268 -4.56 -2.39 -5.28
C PRO B 268 -4.17 -3.69 -5.97
N THR B 269 -5.12 -4.41 -6.56
CA THR B 269 -4.80 -5.55 -7.41
C THR B 269 -5.23 -5.32 -8.85
N GLY B 270 -5.66 -4.09 -9.17
CA GLY B 270 -6.01 -3.79 -10.56
C GLY B 270 -4.81 -3.95 -11.48
N LEU B 271 -5.07 -4.54 -12.65
CA LEU B 271 -4.02 -4.85 -13.59
C LEU B 271 -4.03 -4.01 -14.86
N SER B 272 -5.08 -3.23 -15.12
CA SER B 272 -5.29 -2.70 -16.47
C SER B 272 -4.26 -1.65 -16.90
N PRO B 273 -3.79 -0.71 -16.03
CA PRO B 273 -2.70 0.18 -16.47
C PRO B 273 -1.46 -0.56 -16.93
N TYR B 274 -1.19 -1.72 -16.33
CA TYR B 274 0.02 -2.46 -16.64
C TYR B 274 -0.08 -3.17 -17.98
N LEU B 275 -1.29 -3.54 -18.41
CA LEU B 275 -1.44 -4.13 -19.73
C LEU B 275 -1.32 -3.07 -20.83
N ARG B 276 -1.79 -1.86 -20.57
CA ARG B 276 -1.63 -0.78 -21.55
C ARG B 276 -0.17 -0.46 -21.77
N PHE B 277 0.61 -0.36 -20.70
CA PHE B 277 2.00 0.02 -20.82
C PHE B 277 2.91 -1.15 -21.15
N GLY B 278 2.39 -2.37 -21.15
CA GLY B 278 3.25 -3.52 -21.35
C GLY B 278 4.06 -3.91 -20.14
N CYS B 279 3.75 -3.35 -18.97
CA CYS B 279 4.39 -3.81 -17.75
C CYS B 279 4.02 -5.26 -17.44
N LEU B 280 2.77 -5.63 -17.70
CA LEU B 280 2.30 -6.99 -17.51
C LEU B 280 2.01 -7.61 -18.88
N SER B 281 2.59 -8.77 -19.12
CA SER B 281 2.30 -9.51 -20.35
C SER B 281 0.85 -9.97 -20.36
N CYS B 282 0.15 -9.69 -21.45
CA CYS B 282 -1.24 -10.14 -21.56
C CYS B 282 -1.32 -11.66 -21.63
N ARG B 283 -0.35 -12.31 -22.27
CA ARG B 283 -0.37 -13.77 -22.37
C ARG B 283 -0.11 -14.41 -21.00
N LEU B 284 0.78 -13.82 -20.22
CA LEU B 284 1.01 -14.30 -18.86
C LEU B 284 -0.27 -14.21 -18.03
N PHE B 285 -0.92 -13.05 -18.06
CA PHE B 285 -2.22 -12.90 -17.41
C PHE B 285 -3.20 -13.94 -17.93
N TYR B 286 -3.24 -14.15 -19.25
CA TYR B 286 -4.17 -15.09 -19.87
C TYR B 286 -4.01 -16.49 -19.31
N TYR B 287 -2.78 -17.01 -19.30
CA TYR B 287 -2.58 -18.40 -18.93
C TYR B 287 -2.54 -18.61 -17.42
N ARG B 288 -2.12 -17.60 -16.65
CA ARG B 288 -2.24 -17.70 -15.20
C ARG B 288 -3.69 -17.69 -14.78
N LEU B 289 -4.52 -16.89 -15.45
CA LEU B 289 -5.96 -16.94 -15.24
C LEU B 289 -6.52 -18.31 -15.62
N TRP B 290 -6.00 -18.88 -16.72
CA TRP B 290 -6.40 -20.23 -17.13
C TRP B 290 -6.05 -21.26 -16.07
N ASP B 291 -4.79 -21.25 -15.61
CA ASP B 291 -4.36 -22.18 -14.57
C ASP B 291 -5.21 -22.04 -13.32
N LEU B 292 -5.60 -20.81 -12.98
CA LEU B 292 -6.49 -20.63 -11.85
C LEU B 292 -7.82 -21.35 -12.09
N TYR B 293 -8.35 -21.27 -13.32
CA TYR B 293 -9.59 -21.96 -13.63
C TYR B 293 -9.43 -23.46 -13.44
N LYS B 294 -8.30 -24.02 -13.88
CA LYS B 294 -8.11 -25.47 -13.79
C LYS B 294 -8.00 -25.92 -12.34
N LYS B 295 -7.40 -25.09 -11.47
CA LYS B 295 -7.29 -25.45 -10.07
C LYS B 295 -8.64 -25.42 -9.37
N VAL B 296 -9.41 -24.36 -9.61
CA VAL B 296 -10.69 -24.20 -8.92
C VAL B 296 -11.73 -25.17 -9.47
N LYS B 297 -11.99 -25.10 -10.77
CA LYS B 297 -12.94 -26.01 -11.43
C LYS B 297 -12.17 -27.15 -12.08
N ARG B 298 -12.68 -28.37 -11.91
CA ARG B 298 -11.98 -29.54 -12.44
C ARG B 298 -11.79 -29.44 -13.95
N ASN B 299 -12.71 -28.76 -14.65
CA ASN B 299 -12.65 -28.65 -16.10
C ASN B 299 -11.41 -27.86 -16.52
N SER B 300 -10.61 -28.46 -17.39
CA SER B 300 -9.48 -27.77 -18.02
C SER B 300 -9.89 -26.96 -19.24
N THR B 301 -11.19 -26.81 -19.47
CA THR B 301 -11.73 -26.07 -20.63
C THR B 301 -12.53 -24.89 -20.10
N PRO B 302 -11.90 -23.72 -19.96
CA PRO B 302 -12.62 -22.54 -19.46
C PRO B 302 -13.45 -21.90 -20.55
N PRO B 303 -14.42 -21.08 -20.19
CA PRO B 303 -15.18 -20.32 -21.19
C PRO B 303 -14.40 -19.09 -21.63
N LEU B 304 -14.76 -18.59 -22.80
CA LEU B 304 -14.13 -17.36 -23.30
C LEU B 304 -14.36 -16.18 -22.36
N SER B 305 -15.52 -16.14 -21.70
CA SER B 305 -15.83 -15.03 -20.81
C SER B 305 -14.81 -14.85 -19.70
N LEU B 306 -14.09 -15.91 -19.34
CA LEU B 306 -13.04 -15.79 -18.33
C LEU B 306 -12.03 -14.72 -18.70
N PHE B 307 -11.80 -14.50 -19.99
CA PHE B 307 -10.84 -13.51 -20.48
C PHE B 307 -11.53 -12.32 -21.15
N GLY B 308 -12.76 -12.01 -20.70
CA GLY B 308 -13.58 -11.02 -21.40
C GLY B 308 -12.87 -9.70 -21.64
N GLN B 309 -12.25 -9.15 -20.60
CA GLN B 309 -11.55 -7.88 -20.75
C GLN B 309 -10.38 -8.01 -21.69
N LEU B 310 -9.63 -9.11 -21.60
CA LEU B 310 -8.52 -9.33 -22.54
C LEU B 310 -9.04 -9.46 -23.96
N LEU B 311 -10.25 -9.98 -24.14
CA LEU B 311 -10.80 -10.18 -25.47
C LEU B 311 -11.42 -8.90 -26.04
N TRP B 312 -11.98 -8.04 -25.19
CA TRP B 312 -12.38 -6.71 -25.67
C TRP B 312 -11.16 -5.89 -26.07
N ARG B 313 -10.10 -5.96 -25.28
CA ARG B 313 -8.81 -5.40 -25.66
C ARG B 313 -8.41 -5.87 -27.05
N GLU B 314 -8.42 -7.19 -27.25
CA GLU B 314 -7.98 -7.76 -28.52
C GLU B 314 -8.88 -7.32 -29.66
N PHE B 315 -10.20 -7.29 -29.42
CA PHE B 315 -11.15 -6.92 -30.46
C PHE B 315 -10.83 -5.55 -31.04
N PHE B 316 -10.62 -4.55 -30.16
CA PHE B 316 -10.37 -3.20 -30.62
C PHE B 316 -9.03 -3.08 -31.35
N TYR B 317 -8.00 -3.76 -30.85
CA TYR B 317 -6.73 -3.78 -31.57
C TYR B 317 -6.88 -4.39 -32.94
N THR B 318 -7.73 -5.42 -33.04
CA THR B 318 -7.97 -6.06 -34.32
C THR B 318 -8.73 -5.16 -35.28
N ALA B 319 -9.70 -4.40 -34.76
CA ALA B 319 -10.49 -3.50 -35.59
C ALA B 319 -9.69 -2.28 -36.03
N ALA B 320 -8.71 -1.86 -35.24
CA ALA B 320 -8.03 -0.60 -35.50
C ALA B 320 -6.79 -0.76 -36.38
N THR B 321 -6.20 -1.95 -36.42
CA THR B 321 -4.85 -2.08 -36.95
C THR B 321 -4.74 -1.66 -38.41
N ASN B 322 -5.84 -1.79 -39.18
CA ASN B 322 -5.83 -1.44 -40.59
C ASN B 322 -6.69 -0.23 -40.90
N ASN B 323 -7.20 0.46 -39.88
CA ASN B 323 -8.07 1.62 -40.06
C ASN B 323 -7.35 2.87 -39.56
N PRO B 324 -6.69 3.62 -40.45
CA PRO B 324 -5.98 4.82 -39.98
C PRO B 324 -6.88 5.92 -39.45
N ARG B 325 -8.18 5.89 -39.77
CA ARG B 325 -9.12 6.90 -39.28
C ARG B 325 -9.91 6.41 -38.07
N PHE B 326 -9.41 5.39 -37.38
CA PHE B 326 -10.16 4.71 -36.33
C PHE B 326 -10.58 5.64 -35.21
N ASP B 327 -9.81 6.69 -34.94
CA ASP B 327 -10.12 7.59 -33.83
C ASP B 327 -10.91 8.82 -34.23
N ARG B 328 -11.33 8.92 -35.49
CA ARG B 328 -12.14 10.02 -35.97
C ARG B 328 -13.51 9.50 -36.42
N MET B 329 -14.42 10.43 -36.68
CA MET B 329 -15.72 10.07 -37.23
C MET B 329 -15.76 10.22 -38.75
N GLU B 330 -15.32 11.36 -39.27
CA GLU B 330 -15.33 11.59 -40.71
C GLU B 330 -14.19 10.80 -41.37
N GLY B 331 -14.55 10.00 -42.37
CA GLY B 331 -13.58 9.16 -43.03
C GLY B 331 -13.37 7.82 -42.37
N ASN B 332 -14.09 7.52 -41.29
CA ASN B 332 -13.97 6.25 -40.62
C ASN B 332 -15.00 5.30 -41.20
N PRO B 333 -14.59 4.25 -41.93
CA PRO B 333 -15.58 3.39 -42.59
C PRO B 333 -16.49 2.64 -41.63
N ILE B 334 -16.06 2.43 -40.37
CA ILE B 334 -16.85 1.64 -39.43
C ILE B 334 -17.72 2.47 -38.53
N CYS B 335 -17.60 3.80 -38.57
CA CYS B 335 -18.28 4.69 -37.64
C CYS B 335 -19.51 5.30 -38.29
N ILE B 336 -20.61 5.32 -37.54
CA ILE B 336 -21.85 5.95 -38.01
C ILE B 336 -21.70 7.45 -37.89
N GLN B 337 -21.91 8.17 -39.00
CA GLN B 337 -21.83 9.63 -39.00
C GLN B 337 -23.04 10.21 -38.28
N ILE B 338 -22.80 10.90 -37.16
CA ILE B 338 -23.84 11.47 -36.32
C ILE B 338 -23.61 12.98 -36.26
N PRO B 339 -24.65 13.81 -36.46
CA PRO B 339 -24.44 15.26 -36.44
C PRO B 339 -24.21 15.81 -35.04
N TRP B 340 -23.03 15.56 -34.49
CA TRP B 340 -22.71 16.01 -33.14
C TRP B 340 -22.64 17.53 -33.08
N ASP B 341 -23.02 18.08 -31.93
CA ASP B 341 -22.93 19.51 -31.69
C ASP B 341 -21.50 19.90 -31.31
N ARG B 342 -21.06 21.07 -31.78
CA ARG B 342 -19.77 21.64 -31.42
C ARG B 342 -20.00 22.62 -30.28
N ASN B 343 -19.67 22.20 -29.06
CA ASN B 343 -19.86 23.01 -27.86
C ASN B 343 -18.57 23.00 -27.05
N PRO B 344 -17.59 23.81 -27.45
CA PRO B 344 -16.26 23.73 -26.82
C PRO B 344 -16.27 24.11 -25.35
N GLU B 345 -17.05 25.12 -24.95
CA GLU B 345 -17.09 25.51 -23.55
C GLU B 345 -17.65 24.38 -22.69
N ALA B 346 -18.74 23.75 -23.12
CA ALA B 346 -19.29 22.63 -22.37
C ALA B 346 -18.30 21.47 -22.31
N LEU B 347 -17.69 21.14 -23.46
CA LEU B 347 -16.65 20.12 -23.49
C LEU B 347 -15.55 20.44 -22.47
N ALA B 348 -15.20 21.72 -22.34
CA ALA B 348 -14.15 22.11 -21.41
C ALA B 348 -14.59 21.95 -19.96
N LYS B 349 -15.86 22.25 -19.66
CA LYS B 349 -16.36 22.04 -18.30
C LYS B 349 -16.50 20.56 -17.98
N TRP B 350 -16.83 19.75 -18.99
CA TRP B 350 -16.88 18.30 -18.78
C TRP B 350 -15.49 17.75 -18.49
N ALA B 351 -14.48 18.21 -19.22
CA ALA B 351 -13.13 17.68 -19.00
C ALA B 351 -12.57 18.12 -17.66
N GLU B 352 -12.97 19.29 -17.16
CA GLU B 352 -12.48 19.78 -15.89
C GLU B 352 -13.39 19.40 -14.73
N GLY B 353 -14.48 18.72 -14.99
CA GLY B 353 -15.40 18.33 -13.94
C GLY B 353 -16.12 19.51 -13.32
N LYS B 354 -16.52 20.47 -14.13
CA LYS B 354 -17.29 21.62 -13.67
C LYS B 354 -18.60 21.72 -14.45
N THR B 355 -19.23 20.56 -14.70
CA THR B 355 -20.53 20.50 -15.35
C THR B 355 -21.67 20.88 -14.41
N GLY B 356 -21.45 20.82 -13.11
CA GLY B 356 -22.51 21.03 -12.15
C GLY B 356 -23.20 19.77 -11.69
N PHE B 357 -22.95 18.63 -12.34
CA PHE B 357 -23.47 17.35 -11.89
C PHE B 357 -22.42 16.67 -11.02
N PRO B 358 -22.68 16.49 -9.72
CA PRO B 358 -21.62 15.95 -8.85
C PRO B 358 -21.16 14.56 -9.25
N TRP B 359 -22.08 13.70 -9.67
CA TRP B 359 -21.71 12.37 -10.15
C TRP B 359 -20.70 12.47 -11.29
N ILE B 360 -21.01 13.28 -12.32
CA ILE B 360 -20.13 13.40 -13.47
C ILE B 360 -18.83 14.09 -13.10
N ASP B 361 -18.87 15.04 -12.16
CA ASP B 361 -17.68 15.83 -11.85
C ASP B 361 -16.69 15.06 -10.98
N ALA B 362 -17.20 14.25 -10.04
CA ALA B 362 -16.31 13.42 -9.23
C ALA B 362 -15.55 12.42 -10.09
N ILE B 363 -16.25 11.77 -11.01
CA ILE B 363 -15.60 10.83 -11.91
C ILE B 363 -14.50 11.53 -12.70
N MET B 364 -14.80 12.72 -13.25
CA MET B 364 -13.80 13.44 -14.04
C MET B 364 -12.64 13.90 -13.18
N THR B 365 -12.94 14.35 -11.96
CA THR B 365 -11.88 14.67 -11.01
C THR B 365 -11.01 13.45 -10.72
N GLN B 366 -11.63 12.30 -10.45
CA GLN B 366 -10.85 11.11 -10.16
C GLN B 366 -9.98 10.70 -11.33
N LEU B 367 -10.53 10.75 -12.54
CA LEU B 367 -9.73 10.50 -13.74
C LEU B 367 -8.54 11.45 -13.81
N ARG B 368 -8.79 12.75 -13.64
CA ARG B 368 -7.70 13.72 -13.71
C ARG B 368 -6.69 13.52 -12.59
N GLN B 369 -7.15 13.13 -11.40
CA GLN B 369 -6.26 13.07 -10.24
C GLN B 369 -5.47 11.76 -10.18
N GLU B 370 -6.09 10.64 -10.57
CA GLU B 370 -5.48 9.33 -10.35
C GLU B 370 -5.09 8.59 -11.61
N GLY B 371 -5.79 8.82 -12.72
CA GLY B 371 -5.48 8.15 -13.96
C GLY B 371 -6.36 6.95 -14.26
N TRP B 372 -7.27 6.59 -13.37
CA TRP B 372 -8.17 5.46 -13.61
C TRP B 372 -9.53 5.77 -13.04
N ILE B 373 -10.57 5.35 -13.76
CA ILE B 373 -11.94 5.39 -13.29
C ILE B 373 -12.58 4.05 -13.65
N HIS B 374 -13.66 3.73 -12.94
CA HIS B 374 -14.35 2.46 -13.12
C HIS B 374 -15.09 2.46 -14.47
N HIS B 375 -15.37 1.25 -14.97
CA HIS B 375 -15.99 1.12 -16.29
C HIS B 375 -17.41 1.69 -16.30
N LEU B 376 -18.15 1.51 -15.20
CA LEU B 376 -19.47 2.13 -15.14
C LEU B 376 -19.38 3.64 -14.93
N ALA B 377 -18.24 4.12 -14.44
CA ALA B 377 -18.01 5.56 -14.34
C ALA B 377 -17.65 6.15 -15.70
N ARG B 378 -16.86 5.41 -16.49
CA ARG B 378 -16.66 5.80 -17.89
C ARG B 378 -17.98 5.86 -18.64
N HIS B 379 -18.82 4.83 -18.45
CA HIS B 379 -20.15 4.81 -19.05
C HIS B 379 -20.92 6.08 -18.72
N ALA B 380 -21.05 6.41 -17.44
CA ALA B 380 -21.80 7.60 -17.03
C ALA B 380 -21.18 8.86 -17.64
N VAL B 381 -19.86 8.96 -17.55
CA VAL B 381 -19.17 10.17 -17.99
C VAL B 381 -19.20 10.29 -19.51
N ALA B 382 -19.12 9.15 -20.22
CA ALA B 382 -19.12 9.20 -21.69
C ALA B 382 -20.52 9.45 -22.24
N CYS B 383 -21.54 8.85 -21.62
CA CYS B 383 -22.90 9.16 -22.01
C CYS B 383 -23.19 10.65 -21.86
N PHE B 384 -22.70 11.26 -20.78
CA PHE B 384 -22.98 12.66 -20.51
C PHE B 384 -22.45 13.55 -21.62
N LEU B 385 -21.25 13.24 -22.13
CA LEU B 385 -20.68 14.05 -23.20
C LEU B 385 -21.39 13.79 -24.52
N THR B 386 -21.70 12.53 -24.83
CA THR B 386 -22.20 12.16 -26.14
C THR B 386 -23.72 12.10 -26.17
N ARG B 387 -24.27 10.89 -26.34
CA ARG B 387 -25.70 10.75 -26.61
C ARG B 387 -26.59 11.02 -25.40
N GLY B 388 -26.01 11.08 -24.20
CA GLY B 388 -26.84 11.27 -23.01
C GLY B 388 -27.31 12.71 -22.84
N ASP B 389 -26.38 13.65 -22.93
CA ASP B 389 -26.70 15.05 -22.61
C ASP B 389 -26.08 16.05 -23.59
N LEU B 390 -24.75 16.16 -23.59
CA LEU B 390 -24.12 17.30 -24.25
C LEU B 390 -24.13 17.18 -25.77
N TRP B 391 -24.16 15.97 -26.31
CA TRP B 391 -24.14 15.73 -27.75
C TRP B 391 -22.87 16.30 -28.38
N VAL B 392 -21.74 16.14 -27.68
CA VAL B 392 -20.42 16.41 -28.24
C VAL B 392 -19.86 15.10 -28.78
N SER B 393 -19.07 15.20 -29.85
CA SER B 393 -18.54 14.02 -30.51
C SER B 393 -17.69 13.19 -29.56
N TRP B 394 -17.78 11.86 -29.72
CA TRP B 394 -16.94 10.94 -28.96
C TRP B 394 -15.46 11.20 -29.20
N GLU B 395 -15.10 11.81 -30.33
CA GLU B 395 -13.69 12.07 -30.63
C GLU B 395 -13.08 13.01 -29.61
N SER B 396 -13.87 13.95 -29.08
CA SER B 396 -13.37 14.83 -28.02
C SER B 396 -13.20 14.07 -26.71
N GLY B 397 -14.17 13.23 -26.35
CA GLY B 397 -14.00 12.37 -25.20
C GLY B 397 -12.79 11.46 -25.33
N VAL B 398 -12.51 11.00 -26.55
CA VAL B 398 -11.28 10.24 -26.79
C VAL B 398 -10.05 11.09 -26.45
N ARG B 399 -10.05 12.35 -26.88
CA ARG B 399 -8.89 13.20 -26.65
C ARG B 399 -8.66 13.44 -25.17
N VAL B 400 -9.74 13.69 -24.42
CA VAL B 400 -9.60 13.92 -22.99
C VAL B 400 -9.09 12.66 -22.29
N PHE B 401 -9.69 11.50 -22.63
CA PHE B 401 -9.24 10.26 -22.02
C PHE B 401 -7.80 9.94 -22.40
N ASP B 402 -7.39 10.29 -23.62
CA ASP B 402 -6.00 10.03 -24.02
C ASP B 402 -5.02 10.82 -23.17
N GLU B 403 -5.45 11.97 -22.64
CA GLU B 403 -4.57 12.73 -21.78
C GLU B 403 -4.49 12.12 -20.38
N LEU B 404 -5.63 11.68 -19.85
CA LEU B 404 -5.76 11.38 -18.44
C LEU B 404 -5.80 9.89 -18.11
N LEU B 405 -6.22 9.03 -19.04
CA LEU B 405 -6.52 7.64 -18.71
C LEU B 405 -5.32 6.74 -18.94
N LEU B 406 -5.01 5.90 -17.96
CA LEU B 406 -3.78 5.12 -17.98
C LEU B 406 -3.89 3.78 -18.73
N ASP B 407 -5.09 3.24 -18.90
CA ASP B 407 -5.25 1.85 -19.32
C ASP B 407 -5.89 1.70 -20.70
N ALA B 408 -5.90 2.76 -21.50
CA ALA B 408 -6.54 2.72 -22.81
C ALA B 408 -5.70 3.52 -23.78
N ASP B 409 -5.15 2.84 -24.78
CA ASP B 409 -4.40 3.54 -25.82
C ASP B 409 -5.33 3.79 -27.01
N PHE B 410 -4.74 4.00 -28.20
CA PHE B 410 -5.48 4.37 -29.40
C PHE B 410 -6.67 3.43 -29.67
N SER B 411 -6.39 2.15 -29.86
CA SER B 411 -7.42 1.21 -30.32
C SER B 411 -8.53 1.04 -29.29
N VAL B 412 -8.18 0.83 -28.03
CA VAL B 412 -9.18 0.52 -27.02
C VAL B 412 -9.99 1.76 -26.65
N ASN B 413 -9.33 2.90 -26.52
CA ASN B 413 -10.02 4.13 -26.14
C ASN B 413 -10.98 4.57 -27.25
N ALA B 414 -10.52 4.53 -28.51
CA ALA B 414 -11.37 4.95 -29.63
C ALA B 414 -12.51 3.98 -29.86
N GLY B 415 -12.23 2.68 -29.76
CA GLY B 415 -13.29 1.70 -29.95
C GLY B 415 -14.34 1.74 -28.85
N SER B 416 -13.90 1.95 -27.59
CA SER B 416 -14.85 2.06 -26.49
C SER B 416 -15.79 3.25 -26.69
N TRP B 417 -15.23 4.39 -27.11
CA TRP B 417 -16.05 5.59 -27.30
C TRP B 417 -17.05 5.43 -28.42
N MET B 418 -16.63 4.80 -29.53
CA MET B 418 -17.58 4.52 -30.60
C MET B 418 -18.64 3.52 -30.15
N TRP B 419 -18.23 2.49 -29.41
CA TRP B 419 -19.18 1.51 -28.92
C TRP B 419 -20.22 2.16 -28.00
N LEU B 420 -19.76 2.97 -27.04
CA LEU B 420 -20.67 3.59 -26.07
C LEU B 420 -21.63 4.55 -26.77
N SER B 421 -21.10 5.37 -27.69
CA SER B 421 -21.89 6.39 -28.37
C SER B 421 -22.83 5.83 -29.43
N CYS B 422 -22.83 4.51 -29.64
CA CYS B 422 -23.60 3.84 -30.69
C CYS B 422 -23.15 4.28 -32.09
N SER B 423 -21.88 4.66 -32.21
CA SER B 423 -21.31 5.01 -33.51
C SER B 423 -20.71 3.82 -34.24
N ALA B 424 -20.44 2.72 -33.54
CA ALA B 424 -19.88 1.53 -34.16
C ALA B 424 -20.13 0.33 -33.25
N PHE B 425 -19.92 -0.86 -33.81
CA PHE B 425 -19.97 -2.12 -33.08
C PHE B 425 -21.36 -2.41 -32.52
N PHE B 426 -22.40 -2.09 -33.29
CA PHE B 426 -23.77 -2.32 -32.85
C PHE B 426 -24.22 -3.76 -33.16
N CYS B 432 -28.23 4.52 -21.78
CA CYS B 432 -27.71 5.58 -20.91
C CYS B 432 -28.46 5.60 -19.58
N TYR B 433 -27.86 6.24 -18.58
CA TYR B 433 -28.42 6.34 -17.24
C TYR B 433 -28.44 7.79 -16.79
N CYS B 434 -29.20 8.05 -15.73
CA CYS B 434 -29.37 9.43 -15.26
C CYS B 434 -28.10 9.91 -14.56
N PRO B 435 -27.60 11.11 -14.88
CA PRO B 435 -26.40 11.63 -14.21
C PRO B 435 -26.59 11.96 -12.74
N VAL B 436 -27.80 11.80 -12.21
CA VAL B 436 -28.06 11.88 -10.77
C VAL B 436 -28.36 10.50 -10.20
N GLY B 437 -29.29 9.77 -10.83
CA GLY B 437 -29.74 8.52 -10.25
C GLY B 437 -28.71 7.42 -10.34
N PHE B 438 -27.98 7.32 -11.46
CA PHE B 438 -26.98 6.27 -11.60
C PHE B 438 -25.89 6.40 -10.55
N GLY B 439 -25.64 7.62 -10.07
CA GLY B 439 -24.72 7.84 -8.97
C GLY B 439 -25.35 7.48 -7.64
N ARG B 440 -26.60 7.87 -7.43
CA ARG B 440 -27.30 7.50 -6.21
C ARG B 440 -27.41 5.99 -6.06
N ARG B 441 -27.64 5.28 -7.17
CA ARG B 441 -27.75 3.82 -7.09
C ARG B 441 -26.39 3.17 -6.93
N THR B 442 -25.37 3.72 -7.59
CA THR B 442 -24.02 3.14 -7.48
C THR B 442 -23.43 3.36 -6.09
N ASP B 443 -23.64 4.53 -5.50
CA ASP B 443 -23.09 4.88 -4.19
C ASP B 443 -24.11 5.68 -3.40
N PRO B 444 -25.03 5.00 -2.71
CA PRO B 444 -26.02 5.73 -1.89
C PRO B 444 -25.38 6.60 -0.82
N SER B 445 -24.16 6.29 -0.39
CA SER B 445 -23.52 7.10 0.64
C SER B 445 -23.12 8.47 0.11
N GLY B 446 -22.72 8.55 -1.16
CA GLY B 446 -22.15 9.77 -1.67
C GLY B 446 -20.77 10.10 -1.15
N ASP B 447 -20.13 9.20 -0.41
CA ASP B 447 -18.78 9.45 0.05
C ASP B 447 -17.82 9.54 -1.13
N TYR B 448 -18.16 8.91 -2.26
CA TYR B 448 -17.35 9.05 -3.46
C TYR B 448 -17.40 10.47 -3.99
N ILE B 449 -18.57 11.11 -3.93
CA ILE B 449 -18.67 12.52 -4.26
C ILE B 449 -17.84 13.35 -3.27
N ARG B 450 -17.95 13.04 -1.99
CA ARG B 450 -17.24 13.82 -0.98
C ARG B 450 -15.73 13.63 -1.06
N ARG B 451 -15.28 12.47 -1.54
CA ARG B 451 -13.85 12.21 -1.64
C ARG B 451 -13.22 13.08 -2.72
N TYR B 452 -13.89 13.25 -3.85
CA TYR B 452 -13.33 13.97 -4.97
C TYR B 452 -13.89 15.37 -5.15
N LEU B 453 -15.07 15.67 -4.59
CA LEU B 453 -15.65 17.01 -4.58
C LEU B 453 -15.80 17.45 -3.13
N PRO B 454 -14.70 17.83 -2.48
CA PRO B 454 -14.76 18.15 -1.04
C PRO B 454 -15.63 19.34 -0.69
N LYS B 455 -15.89 20.26 -1.63
CA LYS B 455 -16.75 21.40 -1.32
C LYS B 455 -18.18 20.95 -1.06
N LEU B 456 -18.60 19.83 -1.66
CA LEU B 456 -19.94 19.29 -1.46
C LEU B 456 -20.03 18.39 -0.24
N LYS B 457 -18.97 18.32 0.57
CA LYS B 457 -18.96 17.42 1.72
C LYS B 457 -20.09 17.70 2.69
N GLY B 458 -20.53 18.96 2.77
CA GLY B 458 -21.53 19.32 3.76
C GLY B 458 -22.91 18.78 3.48
N PHE B 459 -23.23 18.54 2.21
CA PHE B 459 -24.59 18.17 1.83
C PHE B 459 -24.94 16.78 2.35
N PRO B 460 -26.20 16.56 2.74
CA PRO B 460 -26.64 15.23 3.13
C PRO B 460 -26.80 14.34 1.90
N SER B 461 -26.90 13.03 2.16
CA SER B 461 -26.87 12.05 1.07
C SER B 461 -28.05 12.20 0.12
N ARG B 462 -29.20 12.71 0.61
CA ARG B 462 -30.35 12.86 -0.26
C ARG B 462 -30.22 14.02 -1.23
N TYR B 463 -29.22 14.90 -1.03
CA TYR B 463 -29.05 16.06 -1.87
C TYR B 463 -27.69 16.15 -2.54
N ILE B 464 -26.73 15.28 -2.21
CA ILE B 464 -25.39 15.45 -2.72
C ILE B 464 -25.30 15.13 -4.21
N TYR B 465 -26.20 14.33 -4.75
CA TYR B 465 -26.23 14.10 -6.19
C TYR B 465 -27.06 15.13 -6.93
N GLU B 466 -27.91 15.86 -6.22
CA GLU B 466 -28.72 16.93 -6.80
C GLU B 466 -28.67 18.14 -5.87
N PRO B 467 -27.50 18.77 -5.75
CA PRO B 467 -27.37 19.89 -4.80
C PRO B 467 -28.14 21.13 -5.22
N TRP B 468 -28.54 21.22 -6.49
CA TRP B 468 -29.38 22.33 -6.93
C TRP B 468 -30.77 22.23 -6.31
N ASN B 469 -31.26 21.02 -6.05
CA ASN B 469 -32.53 20.82 -5.37
C ASN B 469 -32.42 20.91 -3.85
N ALA B 470 -31.24 21.20 -3.31
CA ALA B 470 -31.12 21.35 -1.88
C ALA B 470 -31.63 22.73 -1.46
N PRO B 471 -32.36 22.81 -0.34
CA PRO B 471 -32.86 24.11 0.12
C PRO B 471 -31.72 25.07 0.42
N GLU B 472 -32.04 26.37 0.35
CA GLU B 472 -31.02 27.40 0.54
C GLU B 472 -30.39 27.34 1.92
N SER B 473 -31.16 26.94 2.94
CA SER B 473 -30.59 26.73 4.26
C SER B 473 -29.59 25.58 4.25
N VAL B 474 -29.94 24.48 3.59
CA VAL B 474 -29.06 23.31 3.53
C VAL B 474 -27.74 23.69 2.87
N GLN B 475 -27.81 24.52 1.82
CA GLN B 475 -26.58 24.96 1.16
C GLN B 475 -25.74 25.84 2.06
N LYS B 476 -26.39 26.72 2.84
CA LYS B 476 -25.65 27.55 3.79
C LYS B 476 -25.07 26.71 4.93
N ALA B 477 -25.75 25.63 5.32
CA ALA B 477 -25.21 24.76 6.37
C ALA B 477 -24.04 23.93 5.84
N ALA B 478 -24.06 23.57 4.56
CA ALA B 478 -22.95 22.88 3.93
C ALA B 478 -21.81 23.81 3.57
N LYS B 479 -21.99 25.13 3.75
CA LYS B 479 -21.00 26.14 3.37
C LYS B 479 -20.67 26.09 1.88
N CYS B 480 -21.64 25.67 1.07
CA CYS B 480 -21.47 25.61 -0.38
C CYS B 480 -22.75 26.11 -1.03
N ILE B 481 -22.68 27.26 -1.69
CA ILE B 481 -23.82 27.85 -2.37
C ILE B 481 -23.72 27.52 -3.86
N ILE B 482 -24.75 26.86 -4.38
CA ILE B 482 -24.75 26.47 -5.79
C ILE B 482 -24.80 27.73 -6.65
N GLY B 483 -24.05 27.70 -7.76
CA GLY B 483 -23.89 28.84 -8.61
C GLY B 483 -22.73 29.73 -8.26
N VAL B 484 -22.22 29.62 -7.03
CA VAL B 484 -21.08 30.43 -6.58
C VAL B 484 -19.91 29.51 -6.26
N ASP B 485 -20.03 28.76 -5.15
CA ASP B 485 -18.98 27.85 -4.74
C ASP B 485 -18.90 26.62 -5.63
N TYR B 486 -20.04 26.20 -6.19
CA TYR B 486 -20.12 25.03 -7.05
C TYR B 486 -21.06 25.37 -8.19
N PRO B 487 -20.71 25.01 -9.43
CA PRO B 487 -21.54 25.40 -10.56
C PRO B 487 -22.88 24.71 -10.60
N ARG B 488 -23.88 25.46 -11.06
CA ARG B 488 -25.19 24.89 -11.35
C ARG B 488 -25.08 23.91 -12.52
N PRO B 489 -26.01 22.97 -12.64
CA PRO B 489 -25.94 21.99 -13.74
C PRO B 489 -26.04 22.66 -15.10
N ILE B 490 -25.13 22.28 -16.00
CA ILE B 490 -25.02 22.99 -17.27
C ILE B 490 -26.22 22.72 -18.17
N VAL B 491 -26.88 21.57 -18.00
CA VAL B 491 -28.05 21.24 -18.80
C VAL B 491 -29.10 20.59 -17.91
N ASN B 492 -30.34 20.61 -18.40
CA ASN B 492 -31.43 19.87 -17.77
C ASN B 492 -31.52 18.49 -18.41
N HIS B 493 -31.39 17.45 -17.60
CA HIS B 493 -31.31 16.10 -18.15
C HIS B 493 -32.64 15.68 -18.78
N ALA B 494 -33.77 16.05 -18.17
CA ALA B 494 -35.07 15.68 -18.71
C ALA B 494 -35.24 16.22 -20.13
N GLU B 495 -34.89 17.49 -20.34
CA GLU B 495 -35.04 18.10 -21.65
C GLU B 495 -34.08 17.46 -22.65
N THR B 496 -32.78 17.47 -22.33
CA THR B 496 -31.78 17.04 -23.30
C THR B 496 -31.85 15.54 -23.60
N SER B 497 -32.24 14.72 -22.62
CA SER B 497 -32.25 13.27 -22.87
C SER B 497 -33.38 12.87 -23.80
N ARG B 498 -34.54 13.52 -23.69
CA ARG B 498 -35.63 13.24 -24.62
C ARG B 498 -35.29 13.73 -26.02
N LEU B 499 -34.73 14.93 -26.13
CA LEU B 499 -34.32 15.44 -27.44
C LEU B 499 -33.22 14.58 -28.05
N ASN B 500 -32.26 14.14 -27.22
CA ASN B 500 -31.16 13.33 -27.73
C ASN B 500 -31.61 11.91 -28.06
N ILE B 501 -32.60 11.37 -27.35
CA ILE B 501 -33.12 10.06 -27.72
C ILE B 501 -33.89 10.14 -29.02
N GLU B 502 -34.49 11.30 -29.31
CA GLU B 502 -35.16 11.49 -30.60
C GLU B 502 -34.13 11.60 -31.72
N ARG B 503 -33.01 12.29 -31.46
CA ARG B 503 -31.98 12.43 -32.49
C ARG B 503 -31.25 11.12 -32.73
N MET B 504 -31.17 10.25 -31.72
CA MET B 504 -30.62 8.92 -31.94
C MET B 504 -31.58 8.06 -32.76
N LYS B 505 -32.89 8.26 -32.57
CA LYS B 505 -33.87 7.51 -33.34
C LYS B 505 -33.77 7.83 -34.82
N GLN B 506 -33.59 9.11 -35.16
CA GLN B 506 -33.43 9.50 -36.56
C GLN B 506 -32.24 8.80 -37.20
N ILE B 507 -31.22 8.48 -36.41
CA ILE B 507 -30.06 7.77 -36.96
C ILE B 507 -30.43 6.34 -37.33
N TYR B 508 -31.41 5.76 -36.65
CA TYR B 508 -31.91 4.43 -37.01
C TYR B 508 -33.31 4.53 -37.60
#